data_5AXH
#
_entry.id   5AXH
#
_cell.length_a   78.334
_cell.length_b   99.179
_cell.length_c   169.254
_cell.angle_alpha   90.00
_cell.angle_beta   90.00
_cell.angle_gamma   90.00
#
_symmetry.space_group_name_H-M   'P 21 21 21'
#
loop_
_entity.id
_entity.type
_entity.pdbx_description
1 polymer Dextranase
2 branched alpha-D-glucopyranose-(1-6)-alpha-D-glucopyranose-(1-6)-alpha-D-glucopyranose-(1-6)-alpha-D-glucopyranose
3 branched alpha-D-glucopyranose-(1-6)-alpha-D-glucopyranose-(1-6)-alpha-D-glucopyranose-(1-6)-alpha-D-glucopyranose-(1-6)-alpha-D-glucopyranose-(1-6)-beta-D-glucopyranose
4 non-polymer 'PHOSPHATE ION'
5 non-polymer GLYCEROL
6 water water
#
_entity_poly.entity_id   1
_entity_poly.type   'polypeptide(L)'
_entity_poly.pdbx_seq_one_letter_code
;MGKKIIALILIISTAIFGALYMYRNIFSFKDDNNIVALTKGKLISDVYTDKARYYPSDKVTVKIELNNELQEDFRGTIYI
FYKHLESIVGKAKIQVNIKSGQKKQLNIFWEAPKDDFKGYLVEVYAVKGNKAIDNKNTAVDVSSDWSKFPRYGYIANFPE
QSKEKSALIIEDLNKYHLNGLLFYDWQYKHNKPLAGTVENPDPKWKDIANRDIYGQTVKDYIELAHSKNIMVANYNLMYG
GYFDYVKDGAKPEWGLYKDPNHEEQDNHPLPHTWATDRLYLFNPANKDWQNYIFNAEKDAFRVYNFDVWHVGTLGPRGMV
YDYNGNPVELSFTYADFLNNAKNALGKRIVCNTVNEYGLINVASGADVDFLYVEIWPPARAHYNFLKQTVDNGYNYSDGK
KATVVAAYMNYGIADRSAEFNKHSVRLTDAAIFAAGGDHIELGDTGMLSKEYFPSANLKMSESLVKAMRNYYDFLTAYEN
LLRDGLKESDNKIEIPGIEISNNGSARTVWTYAKQKDGYDVIHMINLLGIEVSNWRDDLGNYSAPPIIKDFKVKYYLEND
NIKNVYLASPDINDGKVMKLQFKKKEDSKGKYLEISVPELQYWDMIFIKKLEHHHHHH
;
_entity_poly.pdbx_strand_id   A,B
#
# COMPACT_ATOMS: atom_id res chain seq x y z
N ILE A 26 -43.54 -16.52 -12.77
CA ILE A 26 -43.05 -17.79 -13.41
C ILE A 26 -41.58 -17.74 -13.89
N PHE A 27 -41.03 -16.52 -14.03
CA PHE A 27 -39.61 -16.32 -14.35
C PHE A 27 -38.74 -16.36 -13.09
N SER A 28 -39.39 -16.28 -11.92
CA SER A 28 -38.76 -16.57 -10.62
C SER A 28 -38.35 -18.06 -10.57
N PHE A 29 -37.11 -18.32 -10.14
CA PHE A 29 -36.52 -19.68 -10.16
C PHE A 29 -37.05 -20.62 -9.05
N LYS A 30 -37.55 -20.04 -7.97
CA LYS A 30 -38.30 -20.80 -6.94
C LYS A 30 -39.59 -21.40 -7.50
N ASP A 31 -40.29 -20.63 -8.33
CA ASP A 31 -41.60 -20.99 -8.93
C ASP A 31 -41.60 -22.40 -9.55
N ASP A 32 -42.64 -23.18 -9.27
CA ASP A 32 -42.84 -24.53 -9.88
C ASP A 32 -42.95 -24.51 -11.41
N ASN A 33 -43.38 -23.36 -11.94
CA ASN A 33 -43.35 -23.10 -13.40
C ASN A 33 -42.01 -22.48 -13.88
N ASN A 34 -40.91 -22.97 -13.33
CA ASN A 34 -39.56 -22.66 -13.77
C ASN A 34 -38.73 -23.94 -13.65
N ILE A 35 -38.73 -24.75 -14.71
CA ILE A 35 -37.95 -26.00 -14.73
C ILE A 35 -36.64 -25.82 -15.49
N VAL A 36 -36.01 -24.64 -15.35
CA VAL A 36 -34.86 -24.24 -16.17
C VAL A 36 -33.65 -25.13 -15.85
N ALA A 37 -33.47 -25.48 -14.57
CA ALA A 37 -32.42 -26.40 -14.13
C ALA A 37 -32.39 -27.74 -14.90
N LEU A 38 -33.58 -28.26 -15.25
CA LEU A 38 -33.68 -29.48 -16.09
C LEU A 38 -33.16 -29.32 -17.53
N THR A 39 -33.37 -28.15 -18.12
CA THR A 39 -33.25 -27.95 -19.57
C THR A 39 -32.32 -26.75 -19.94
N LYS A 40 -31.45 -26.34 -19.01
CA LYS A 40 -30.59 -25.15 -19.19
C LYS A 40 -29.59 -25.34 -20.33
N GLY A 41 -29.54 -24.36 -21.23
CA GLY A 41 -28.74 -24.45 -22.44
C GLY A 41 -29.23 -25.43 -23.51
N LYS A 42 -30.44 -25.97 -23.37
CA LYS A 42 -30.99 -26.90 -24.36
C LYS A 42 -31.83 -26.21 -25.43
N LEU A 43 -32.10 -24.91 -25.26
CA LEU A 43 -32.75 -24.13 -26.31
C LEU A 43 -32.00 -22.84 -26.65
N ILE A 44 -31.64 -22.06 -25.62
CA ILE A 44 -30.90 -20.82 -25.80
C ILE A 44 -29.42 -21.15 -25.78
N SER A 45 -28.77 -21.00 -26.92
CA SER A 45 -27.39 -21.38 -27.06
C SER A 45 -26.49 -20.21 -26.68
N ASP A 46 -26.86 -18.99 -27.07
CA ASP A 46 -26.11 -17.82 -26.64
C ASP A 46 -26.94 -16.55 -26.74
N VAL A 47 -26.53 -15.54 -25.98
CA VAL A 47 -27.15 -14.21 -25.96
C VAL A 47 -26.02 -13.20 -25.84
N TYR A 48 -26.01 -12.20 -26.71
CA TYR A 48 -24.96 -11.17 -26.73
C TYR A 48 -25.50 -9.95 -27.51
N THR A 49 -24.67 -8.92 -27.69
CA THR A 49 -25.09 -7.68 -28.35
C THR A 49 -24.18 -7.32 -29.52
N ASP A 50 -24.66 -6.42 -30.38
CA ASP A 50 -23.87 -5.99 -31.56
C ASP A 50 -22.65 -5.15 -31.19
N LYS A 51 -22.70 -4.42 -30.08
CA LYS A 51 -21.57 -3.56 -29.66
C LYS A 51 -21.12 -3.72 -28.21
N ALA A 52 -19.94 -3.19 -27.91
CA ALA A 52 -19.32 -3.26 -26.58
C ALA A 52 -19.83 -2.19 -25.62
N ARG A 53 -20.20 -1.04 -26.21
CA ARG A 53 -20.53 0.16 -25.51
C ARG A 53 -21.53 0.93 -26.41
N TYR A 54 -22.51 1.60 -25.81
CA TYR A 54 -23.49 2.39 -26.54
C TYR A 54 -23.58 3.81 -26.02
N TYR A 55 -23.81 4.75 -26.94
CA TYR A 55 -24.12 6.13 -26.59
C TYR A 55 -25.58 6.16 -26.17
N PRO A 56 -25.95 7.08 -25.25
CA PRO A 56 -27.35 7.28 -24.88
C PRO A 56 -28.26 7.41 -26.10
N SER A 57 -29.40 6.71 -26.07
CA SER A 57 -30.37 6.68 -27.20
C SER A 57 -29.95 5.91 -28.46
N ASP A 58 -28.78 5.26 -28.46
CA ASP A 58 -28.41 4.37 -29.55
C ASP A 58 -29.38 3.20 -29.62
N LYS A 59 -29.49 2.65 -30.83
CA LYS A 59 -30.15 1.39 -31.06
C LYS A 59 -29.24 0.27 -30.56
N VAL A 60 -29.76 -0.56 -29.67
CA VAL A 60 -29.06 -1.74 -29.16
C VAL A 60 -29.70 -2.95 -29.82
N THR A 61 -28.86 -3.82 -30.39
CA THR A 61 -29.35 -5.07 -30.95
C THR A 61 -28.87 -6.25 -30.12
N VAL A 62 -29.83 -6.90 -29.46
CA VAL A 62 -29.59 -8.11 -28.71
C VAL A 62 -29.73 -9.29 -29.65
N LYS A 63 -28.69 -10.12 -29.69
CA LYS A 63 -28.68 -11.25 -30.61
C LYS A 63 -28.82 -12.53 -29.83
N ILE A 64 -29.81 -13.34 -30.20
CA ILE A 64 -30.12 -14.58 -29.51
C ILE A 64 -29.92 -15.75 -30.48
N GLU A 65 -29.15 -16.75 -30.09
CA GLU A 65 -28.93 -17.93 -30.92
C GLU A 65 -29.65 -19.09 -30.26
N LEU A 66 -30.62 -19.64 -31.00
CA LEU A 66 -31.40 -20.76 -30.55
C LEU A 66 -30.86 -22.01 -31.20
N ASN A 67 -30.78 -23.08 -30.42
CA ASN A 67 -30.41 -24.38 -30.92
C ASN A 67 -31.22 -25.40 -30.12
N ASN A 68 -32.24 -26.00 -30.75
CA ASN A 68 -33.13 -26.92 -30.05
C ASN A 68 -32.44 -28.26 -29.86
N GLU A 69 -32.03 -28.52 -28.62
CA GLU A 69 -31.51 -29.81 -28.21
C GLU A 69 -32.47 -30.45 -27.20
N LEU A 70 -33.74 -30.03 -27.21
CA LEU A 70 -34.75 -30.61 -26.32
C LEU A 70 -35.24 -31.98 -26.79
N GLN A 71 -34.81 -32.43 -27.98
CA GLN A 71 -35.29 -33.67 -28.57
C GLN A 71 -36.80 -33.65 -28.64
N GLU A 72 -37.32 -32.50 -29.02
CA GLU A 72 -38.76 -32.20 -29.06
C GLU A 72 -38.91 -30.82 -29.70
N ASP A 73 -39.97 -30.65 -30.49
CA ASP A 73 -40.19 -29.38 -31.18
C ASP A 73 -40.69 -28.34 -30.19
N PHE A 74 -40.30 -27.09 -30.40
CA PHE A 74 -40.67 -26.00 -29.50
C PHE A 74 -41.60 -25.05 -30.22
N ARG A 75 -42.71 -24.74 -29.56
CA ARG A 75 -43.67 -23.79 -30.09
C ARG A 75 -44.04 -22.92 -28.91
N GLY A 76 -43.32 -21.81 -28.77
CA GLY A 76 -43.48 -20.97 -27.60
C GLY A 76 -43.05 -19.54 -27.84
N THR A 77 -42.50 -18.94 -26.79
CA THR A 77 -42.24 -17.52 -26.75
C THR A 77 -40.90 -17.26 -26.09
N ILE A 78 -40.21 -16.25 -26.60
CA ILE A 78 -38.98 -15.75 -26.05
C ILE A 78 -39.31 -14.43 -25.37
N TYR A 79 -39.01 -14.34 -24.08
CA TYR A 79 -39.22 -13.13 -23.31
C TYR A 79 -37.85 -12.49 -23.04
N ILE A 80 -37.82 -11.17 -23.10
CA ILE A 80 -36.61 -10.40 -22.85
C ILE A 80 -37.00 -9.32 -21.86
N PHE A 81 -36.21 -9.18 -20.79
CA PHE A 81 -36.37 -8.13 -19.80
C PHE A 81 -35.10 -7.33 -19.72
N TYR A 82 -35.23 -6.01 -19.72
CA TYR A 82 -34.13 -5.08 -19.57
C TYR A 82 -34.22 -4.54 -18.16
N LYS A 83 -33.13 -4.71 -17.40
CA LYS A 83 -33.10 -4.44 -15.97
C LYS A 83 -31.99 -3.44 -15.68
N HIS A 84 -32.29 -2.48 -14.83
CA HIS A 84 -31.29 -1.60 -14.27
C HIS A 84 -31.30 -1.86 -12.77
N LEU A 85 -30.26 -2.55 -12.30
CA LEU A 85 -30.15 -3.00 -10.94
C LEU A 85 -31.41 -3.80 -10.56
N GLU A 86 -32.16 -3.36 -9.55
CA GLU A 86 -33.39 -4.05 -9.15
C GLU A 86 -34.60 -3.81 -10.07
N SER A 87 -34.55 -2.81 -10.96
CA SER A 87 -35.76 -2.34 -11.68
C SER A 87 -35.87 -2.86 -13.11
N ILE A 88 -37.10 -3.15 -13.54
CA ILE A 88 -37.40 -3.48 -14.93
C ILE A 88 -37.53 -2.17 -15.69
N VAL A 89 -36.70 -1.94 -16.70
CA VAL A 89 -36.78 -0.70 -17.48
C VAL A 89 -37.37 -0.94 -18.87
N GLY A 90 -37.64 -2.20 -19.22
CA GLY A 90 -38.21 -2.56 -20.51
C GLY A 90 -38.43 -4.06 -20.62
N LYS A 91 -39.35 -4.45 -21.50
CA LYS A 91 -39.63 -5.86 -21.81
C LYS A 91 -40.04 -6.02 -23.27
N ALA A 92 -39.92 -7.25 -23.75
CA ALA A 92 -40.36 -7.62 -25.08
C ALA A 92 -40.61 -9.12 -25.12
N LYS A 93 -41.49 -9.54 -26.03
CA LYS A 93 -41.78 -10.95 -26.25
C LYS A 93 -41.93 -11.23 -27.75
N ILE A 94 -41.46 -12.41 -28.19
CA ILE A 94 -41.53 -12.80 -29.60
C ILE A 94 -41.87 -14.28 -29.68
N GLN A 95 -42.91 -14.63 -30.44
CA GLN A 95 -43.27 -16.02 -30.70
C GLN A 95 -42.25 -16.65 -31.61
N VAL A 96 -41.83 -17.85 -31.28
CA VAL A 96 -40.84 -18.57 -32.07
C VAL A 96 -41.18 -20.04 -32.03
N ASN A 97 -41.16 -20.67 -33.20
CA ASN A 97 -41.21 -22.11 -33.33
C ASN A 97 -39.85 -22.52 -33.80
N ILE A 98 -39.43 -23.70 -33.37
CA ILE A 98 -38.12 -24.21 -33.74
C ILE A 98 -38.12 -25.70 -33.49
N LYS A 99 -37.86 -26.45 -34.57
CA LYS A 99 -37.98 -27.90 -34.54
C LYS A 99 -36.78 -28.53 -33.87
N SER A 100 -36.95 -29.74 -33.36
CA SER A 100 -35.88 -30.45 -32.71
C SER A 100 -34.68 -30.51 -33.65
N GLY A 101 -33.51 -30.15 -33.13
CA GLY A 101 -32.27 -30.19 -33.92
C GLY A 101 -32.03 -29.01 -34.84
N GLN A 102 -32.98 -28.07 -34.91
CA GLN A 102 -32.90 -26.88 -35.77
C GLN A 102 -32.27 -25.71 -35.00
N LYS A 103 -31.60 -24.82 -35.75
CA LYS A 103 -31.02 -23.59 -35.21
C LYS A 103 -31.72 -22.37 -35.76
N LYS A 104 -31.83 -21.32 -34.96
CA LYS A 104 -32.31 -20.03 -35.46
C LYS A 104 -31.58 -18.93 -34.72
N GLN A 105 -31.53 -17.76 -35.36
CA GLN A 105 -31.15 -16.51 -34.70
C GLN A 105 -32.38 -15.62 -34.58
N LEU A 106 -32.43 -14.86 -33.49
CA LEU A 106 -33.46 -13.87 -33.22
C LEU A 106 -32.78 -12.60 -32.69
N ASN A 107 -33.02 -11.47 -33.36
CA ASN A 107 -32.52 -10.19 -32.92
C ASN A 107 -33.66 -9.41 -32.33
N ILE A 108 -33.38 -8.75 -31.21
CA ILE A 108 -34.31 -7.88 -30.53
C ILE A 108 -33.63 -6.52 -30.50
N PHE A 109 -34.42 -5.47 -30.79
CA PHE A 109 -33.90 -4.11 -30.97
C PHE A 109 -34.43 -3.24 -29.87
N TRP A 110 -33.56 -2.43 -29.29
CA TRP A 110 -33.94 -1.64 -28.14
C TRP A 110 -33.29 -0.31 -28.27
N GLU A 111 -33.92 0.74 -27.75
CA GLU A 111 -33.32 2.05 -27.71
C GLU A 111 -32.70 2.20 -26.32
N ALA A 112 -31.40 2.50 -26.29
CA ALA A 112 -30.71 2.70 -25.01
C ALA A 112 -31.33 3.91 -24.29
N PRO A 113 -31.69 3.78 -22.99
CA PRO A 113 -32.20 4.95 -22.25
C PRO A 113 -31.26 6.15 -22.28
N LYS A 114 -31.80 7.32 -21.99
CA LYS A 114 -31.04 8.57 -22.16
C LYS A 114 -29.93 8.83 -21.14
N ASP A 115 -29.96 8.17 -19.98
CA ASP A 115 -28.95 8.46 -18.96
C ASP A 115 -27.59 7.85 -19.33
N ASP A 116 -26.57 8.70 -19.33
CA ASP A 116 -25.20 8.28 -19.67
C ASP A 116 -24.59 7.48 -18.53
N PHE A 117 -23.68 6.58 -18.87
CA PHE A 117 -22.91 5.81 -17.89
C PHE A 117 -23.81 4.92 -17.01
N LYS A 118 -24.67 4.12 -17.65
CA LYS A 118 -25.54 3.18 -16.97
C LYS A 118 -25.30 1.76 -17.52
N GLY A 119 -25.26 0.77 -16.62
CA GLY A 119 -25.23 -0.65 -16.97
C GLY A 119 -26.58 -1.31 -16.77
N TYR A 120 -26.85 -2.33 -17.57
CA TYR A 120 -28.13 -3.04 -17.55
C TYR A 120 -27.88 -4.53 -17.69
N LEU A 121 -28.72 -5.35 -17.06
CA LEU A 121 -28.71 -6.77 -17.33
C LEU A 121 -29.85 -7.04 -18.30
N VAL A 122 -29.62 -7.96 -19.24
CA VAL A 122 -30.65 -8.36 -20.18
C VAL A 122 -30.94 -9.82 -19.93
N GLU A 123 -32.18 -10.14 -19.56
CA GLU A 123 -32.57 -11.52 -19.25
C GLU A 123 -33.48 -12.07 -20.35
N VAL A 124 -33.05 -13.19 -20.93
CA VAL A 124 -33.77 -13.85 -21.99
C VAL A 124 -34.31 -15.18 -21.45
N TYR A 125 -35.62 -15.39 -21.57
CA TYR A 125 -36.28 -16.66 -21.18
C TYR A 125 -37.00 -17.31 -22.35
N ALA A 126 -36.86 -18.62 -22.47
CA ALA A 126 -37.68 -19.40 -23.39
C ALA A 126 -38.84 -20.03 -22.62
N VAL A 127 -40.07 -19.76 -23.06
CA VAL A 127 -41.30 -20.20 -22.38
C VAL A 127 -42.17 -21.08 -23.28
N LYS A 128 -42.41 -22.33 -22.85
CA LYS A 128 -43.38 -23.23 -23.49
C LYS A 128 -44.50 -23.51 -22.50
N GLY A 129 -45.73 -23.49 -23.00
CA GLY A 129 -46.90 -23.52 -22.12
C GLY A 129 -46.89 -22.27 -21.25
N ASN A 130 -47.08 -22.48 -19.95
CA ASN A 130 -46.98 -21.41 -18.96
C ASN A 130 -45.73 -21.64 -18.07
N LYS A 131 -44.62 -22.07 -18.68
CA LYS A 131 -43.41 -22.48 -17.97
C LYS A 131 -42.11 -22.04 -18.65
N ALA A 132 -41.22 -21.41 -17.88
CA ALA A 132 -39.86 -21.10 -18.32
C ALA A 132 -39.00 -22.36 -18.38
N ILE A 133 -38.46 -22.66 -19.54
CA ILE A 133 -37.62 -23.85 -19.73
C ILE A 133 -36.15 -23.56 -20.06
N ASP A 134 -35.81 -22.29 -20.34
CA ASP A 134 -34.41 -21.92 -20.51
C ASP A 134 -34.22 -20.45 -20.24
N ASN A 135 -33.00 -20.08 -19.88
CA ASN A 135 -32.69 -18.69 -19.55
C ASN A 135 -31.22 -18.44 -19.84
N LYS A 136 -30.94 -17.28 -20.41
CA LYS A 136 -29.56 -16.82 -20.56
C LYS A 136 -29.57 -15.28 -20.56
N ASN A 137 -28.50 -14.71 -20.02
CA ASN A 137 -28.41 -13.29 -19.82
C ASN A 137 -27.25 -12.70 -20.59
N THR A 138 -27.35 -11.40 -20.87
CA THR A 138 -26.19 -10.61 -21.29
C THR A 138 -26.30 -9.26 -20.58
N ALA A 139 -25.44 -8.33 -20.97
CA ALA A 139 -25.43 -7.00 -20.38
C ALA A 139 -25.26 -5.94 -21.45
N VAL A 140 -25.59 -4.70 -21.10
CA VAL A 140 -25.48 -3.55 -21.96
C VAL A 140 -24.89 -2.41 -21.15
N ASP A 141 -23.84 -1.81 -21.67
CA ASP A 141 -23.22 -0.66 -21.08
C ASP A 141 -23.54 0.56 -21.95
N VAL A 142 -24.29 1.52 -21.39
CA VAL A 142 -24.52 2.82 -22.05
C VAL A 142 -23.54 3.83 -21.50
N SER A 143 -22.46 4.05 -22.22
CA SER A 143 -21.41 4.98 -21.79
C SER A 143 -20.91 5.69 -23.04
N SER A 144 -20.81 7.00 -22.97
CA SER A 144 -20.35 7.79 -24.09
C SER A 144 -18.81 7.81 -24.22
N ASP A 145 -18.12 7.24 -23.23
CA ASP A 145 -16.66 7.19 -23.18
C ASP A 145 -16.23 5.97 -22.33
N TRP A 146 -15.18 5.28 -22.76
CA TRP A 146 -14.71 4.06 -22.08
C TRP A 146 -14.06 4.27 -20.72
N SER A 147 -13.73 5.53 -20.41
CA SER A 147 -12.81 5.83 -19.35
C SER A 147 -13.40 5.72 -17.94
N LYS A 148 -14.72 5.88 -17.78
CA LYS A 148 -15.34 5.64 -16.47
C LYS A 148 -15.38 4.15 -16.10
N PHE A 149 -15.72 3.29 -17.06
CA PHE A 149 -15.90 1.87 -16.83
C PHE A 149 -15.02 1.04 -17.77
N PRO A 150 -13.69 1.13 -17.62
CA PRO A 150 -12.84 0.37 -18.55
C PRO A 150 -13.02 -1.14 -18.40
N ARG A 151 -13.09 -1.83 -19.54
CA ARG A 151 -13.11 -3.27 -19.63
C ARG A 151 -12.07 -3.63 -20.70
N TYR A 152 -10.83 -3.66 -20.27
CA TYR A 152 -9.69 -3.73 -21.19
C TYR A 152 -9.37 -5.21 -21.49
N GLY A 153 -9.17 -5.53 -22.77
CA GLY A 153 -8.58 -6.79 -23.19
C GLY A 153 -7.39 -6.55 -24.11
N TYR A 154 -7.00 -7.58 -24.89
CA TYR A 154 -5.76 -7.52 -25.68
C TYR A 154 -5.85 -8.33 -26.98
N ILE A 155 -5.05 -7.91 -27.96
CA ILE A 155 -4.73 -8.70 -29.14
C ILE A 155 -3.20 -8.72 -29.20
N ALA A 156 -2.61 -9.91 -29.16
CA ALA A 156 -1.15 -10.09 -29.14
C ALA A 156 -0.57 -10.68 -30.45
N ASN A 157 -1.42 -11.15 -31.36
CA ASN A 157 -1.00 -11.82 -32.59
C ASN A 157 -1.53 -11.13 -33.83
N PHE A 158 -0.63 -10.88 -34.80
CA PHE A 158 -0.98 -10.19 -36.04
C PHE A 158 -0.46 -10.96 -37.29
N PRO A 159 -0.86 -12.23 -37.43
CA PRO A 159 -0.45 -12.97 -38.63
C PRO A 159 -1.29 -12.56 -39.83
N GLU A 160 -0.89 -13.02 -40.99
CA GLU A 160 -1.66 -12.81 -42.21
C GLU A 160 -2.94 -13.65 -42.10
N GLN A 161 -4.09 -13.00 -42.22
CA GLN A 161 -5.37 -13.70 -42.13
C GLN A 161 -6.49 -12.90 -42.79
N SER A 162 -7.52 -13.59 -43.26
CA SER A 162 -8.69 -12.92 -43.83
C SER A 162 -9.31 -11.95 -42.81
N LYS A 163 -9.85 -10.85 -43.32
CA LYS A 163 -10.69 -9.95 -42.55
C LYS A 163 -11.83 -10.71 -41.86
N GLU A 164 -12.34 -11.73 -42.54
CA GLU A 164 -13.37 -12.62 -42.02
C GLU A 164 -12.91 -13.37 -40.77
N LYS A 165 -11.64 -13.80 -40.73
CA LYS A 165 -11.14 -14.47 -39.53
C LYS A 165 -10.94 -13.48 -38.40
N SER A 166 -10.41 -12.29 -38.73
CA SER A 166 -10.24 -11.20 -37.79
C SER A 166 -11.57 -10.79 -37.19
N ALA A 167 -12.61 -10.75 -38.03
CA ALA A 167 -13.96 -10.38 -37.57
C ALA A 167 -14.51 -11.40 -36.59
N LEU A 168 -14.22 -12.67 -36.80
CA LEU A 168 -14.65 -13.71 -35.87
C LEU A 168 -14.01 -13.60 -34.49
N ILE A 169 -12.74 -13.21 -34.45
CA ILE A 169 -12.02 -12.99 -33.18
C ILE A 169 -12.61 -11.78 -32.44
N ILE A 170 -12.85 -10.69 -33.17
CA ILE A 170 -13.50 -9.53 -32.60
C ILE A 170 -14.89 -9.88 -32.07
N GLU A 171 -15.68 -10.67 -32.79
CA GLU A 171 -17.01 -11.11 -32.30
C GLU A 171 -16.87 -11.90 -30.98
N ASP A 172 -15.92 -12.82 -30.93
CA ASP A 172 -15.66 -13.59 -29.72
C ASP A 172 -15.40 -12.67 -28.51
N LEU A 173 -14.53 -11.67 -28.70
CA LEU A 173 -14.14 -10.77 -27.62
C LEU A 173 -15.26 -9.82 -27.23
N ASN A 174 -16.09 -9.41 -28.19
CA ASN A 174 -17.27 -8.57 -27.91
C ASN A 174 -18.34 -9.27 -27.03
N LYS A 175 -18.36 -10.61 -27.03
CA LYS A 175 -19.18 -11.37 -26.04
C LYS A 175 -18.98 -10.92 -24.58
N TYR A 176 -17.74 -10.56 -24.25
CA TYR A 176 -17.38 -10.09 -22.90
C TYR A 176 -17.56 -8.59 -22.68
N HIS A 177 -18.08 -7.88 -23.69
CA HIS A 177 -18.28 -6.45 -23.66
C HIS A 177 -16.97 -5.66 -23.50
N LEU A 178 -15.85 -6.22 -23.96
CA LEU A 178 -14.57 -5.52 -23.82
C LEU A 178 -14.63 -4.21 -24.62
N ASN A 179 -14.35 -3.09 -23.95
CA ASN A 179 -14.46 -1.77 -24.60
C ASN A 179 -13.13 -1.13 -24.97
N GLY A 180 -12.04 -1.86 -24.71
CA GLY A 180 -10.71 -1.45 -25.11
C GLY A 180 -9.88 -2.67 -25.40
N LEU A 181 -9.03 -2.58 -26.42
CA LEU A 181 -8.11 -3.66 -26.75
C LEU A 181 -6.72 -3.11 -26.91
N LEU A 182 -5.80 -3.68 -26.13
CA LEU A 182 -4.40 -3.33 -26.16
C LEU A 182 -3.70 -4.21 -27.19
N PHE A 183 -3.14 -3.58 -28.23
CA PHE A 183 -2.42 -4.30 -29.27
C PHE A 183 -0.97 -4.42 -28.77
N TYR A 184 -0.59 -5.61 -28.32
CA TYR A 184 0.70 -5.86 -27.71
C TYR A 184 1.69 -6.35 -28.78
N ASP A 185 2.85 -5.71 -28.86
CA ASP A 185 3.93 -6.09 -29.81
C ASP A 185 3.49 -6.16 -31.28
N TRP A 186 2.65 -5.20 -31.68
CA TRP A 186 2.28 -4.98 -33.07
C TRP A 186 3.37 -4.15 -33.81
N GLN A 187 4.05 -3.26 -33.10
CA GLN A 187 4.89 -2.25 -33.73
C GLN A 187 6.20 -2.80 -34.36
N TYR A 188 6.88 -1.94 -35.11
CA TYR A 188 8.15 -2.28 -35.79
C TYR A 188 9.31 -2.17 -34.79
N LYS A 189 9.63 -0.97 -34.35
CA LYS A 189 10.63 -0.74 -33.29
C LYS A 189 10.06 0.15 -32.21
N HIS A 190 10.59 0.03 -31.00
CA HIS A 190 10.18 0.87 -29.88
C HIS A 190 10.48 2.38 -30.13
N ASN A 191 11.54 2.64 -30.90
CA ASN A 191 11.92 4.01 -31.27
C ASN A 191 11.53 4.40 -32.70
N LYS A 192 10.77 3.55 -33.37
CA LYS A 192 10.29 3.77 -34.73
C LYS A 192 9.15 2.76 -34.98
N PRO A 193 7.96 3.06 -34.43
CA PRO A 193 6.89 2.07 -34.49
C PRO A 193 6.36 1.76 -35.90
N LEU A 194 6.39 2.76 -36.78
CA LEU A 194 5.96 2.59 -38.17
C LEU A 194 7.06 1.95 -39.02
N ALA A 195 6.76 0.81 -39.62
CA ALA A 195 7.65 0.24 -40.68
C ALA A 195 7.31 0.88 -42.04
N GLY A 196 8.35 1.30 -42.76
CA GLY A 196 8.17 2.12 -43.96
C GLY A 196 7.88 3.56 -43.60
N THR A 197 6.99 4.19 -44.37
CA THR A 197 6.70 5.60 -44.18
C THR A 197 5.22 5.84 -44.35
N VAL A 198 4.79 7.03 -43.96
CA VAL A 198 3.39 7.39 -44.04
C VAL A 198 2.92 7.30 -45.49
N GLU A 199 3.74 7.77 -46.44
CA GLU A 199 3.36 7.76 -47.87
C GLU A 199 3.31 6.33 -48.43
N ASN A 200 4.19 5.45 -47.97
CA ASN A 200 4.11 4.03 -48.33
C ASN A 200 4.47 3.11 -47.16
N PRO A 201 3.44 2.69 -46.38
CA PRO A 201 3.67 1.82 -45.23
C PRO A 201 4.09 0.43 -45.63
N ASP A 202 5.09 -0.12 -44.96
CA ASP A 202 5.53 -1.49 -45.22
C ASP A 202 4.42 -2.46 -44.75
N PRO A 203 3.90 -3.34 -45.64
CA PRO A 203 2.78 -4.21 -45.19
C PRO A 203 3.17 -5.39 -44.28
N LYS A 204 4.46 -5.65 -44.11
CA LYS A 204 4.91 -6.76 -43.28
C LYS A 204 6.26 -6.41 -42.64
N TRP A 205 6.42 -6.77 -41.36
CA TRP A 205 7.64 -6.45 -40.61
C TRP A 205 7.85 -7.43 -39.47
N LYS A 206 9.04 -7.34 -38.88
CA LYS A 206 9.40 -8.11 -37.71
C LYS A 206 9.12 -7.25 -36.47
N ASP A 207 8.47 -7.85 -35.47
CA ASP A 207 8.32 -7.22 -34.17
C ASP A 207 9.56 -7.50 -33.33
N ILE A 208 9.52 -7.06 -32.08
CA ILE A 208 10.60 -7.22 -31.10
C ILE A 208 11.11 -8.66 -30.98
N ALA A 209 10.22 -9.64 -31.07
CA ALA A 209 10.59 -11.03 -30.95
C ALA A 209 10.79 -11.71 -32.32
N ASN A 210 11.03 -10.93 -33.37
CA ASN A 210 11.13 -11.47 -34.74
C ASN A 210 9.94 -12.30 -35.17
N ARG A 211 8.75 -11.95 -34.70
CA ARG A 211 7.53 -12.51 -35.28
C ARG A 211 7.20 -11.62 -36.49
N ASP A 212 6.53 -12.22 -37.47
CA ASP A 212 5.98 -11.50 -38.59
C ASP A 212 4.69 -10.80 -38.19
N ILE A 213 4.64 -9.50 -38.45
CA ILE A 213 3.44 -8.70 -38.28
C ILE A 213 2.97 -8.22 -39.65
N TYR A 214 1.68 -8.38 -39.92
CA TYR A 214 1.06 -7.90 -41.14
C TYR A 214 0.20 -6.69 -40.85
N GLY A 215 0.60 -5.56 -41.43
CA GLY A 215 -0.13 -4.31 -41.29
C GLY A 215 -1.62 -4.36 -41.61
N GLN A 216 -2.02 -5.22 -42.55
CA GLN A 216 -3.42 -5.30 -42.97
C GLN A 216 -4.29 -5.94 -41.88
N THR A 217 -3.73 -6.92 -41.17
CA THR A 217 -4.38 -7.52 -39.99
C THR A 217 -4.57 -6.48 -38.87
N VAL A 218 -3.54 -5.68 -38.63
CA VAL A 218 -3.64 -4.58 -37.65
C VAL A 218 -4.76 -3.64 -38.04
N LYS A 219 -4.77 -3.21 -39.30
CA LYS A 219 -5.80 -2.28 -39.78
C LYS A 219 -7.19 -2.87 -39.74
N ASP A 220 -7.29 -4.17 -40.01
CA ASP A 220 -8.60 -4.84 -40.03
C ASP A 220 -9.19 -4.91 -38.63
N TYR A 221 -8.38 -5.37 -37.69
CA TYR A 221 -8.74 -5.38 -36.28
C TYR A 221 -9.21 -4.00 -35.79
N ILE A 222 -8.49 -2.94 -36.17
CA ILE A 222 -8.85 -1.58 -35.76
C ILE A 222 -10.25 -1.16 -36.27
N GLU A 223 -10.50 -1.44 -37.55
CA GLU A 223 -11.77 -1.12 -38.16
C GLU A 223 -12.89 -1.96 -37.56
N LEU A 224 -12.66 -3.26 -37.39
CA LEU A 224 -13.67 -4.13 -36.79
C LEU A 224 -13.96 -3.73 -35.35
N ALA A 225 -12.91 -3.39 -34.59
CA ALA A 225 -13.08 -2.90 -33.22
C ALA A 225 -13.93 -1.66 -33.22
N HIS A 226 -13.57 -0.68 -34.04
CA HIS A 226 -14.30 0.59 -34.10
C HIS A 226 -15.77 0.44 -34.44
N SER A 227 -16.13 -0.54 -35.26
CA SER A 227 -17.55 -0.73 -35.60
C SER A 227 -18.36 -1.20 -34.39
N LYS A 228 -17.69 -1.85 -33.43
CA LYS A 228 -18.29 -2.17 -32.13
C LYS A 228 -18.02 -1.18 -30.98
N ASN A 229 -17.63 0.05 -31.31
CA ASN A 229 -17.29 1.10 -30.33
C ASN A 229 -16.18 0.71 -29.36
N ILE A 230 -15.24 -0.11 -29.83
CA ILE A 230 -14.14 -0.53 -29.01
C ILE A 230 -12.95 0.40 -29.27
N MET A 231 -12.35 0.94 -28.20
CA MET A 231 -11.13 1.71 -28.32
C MET A 231 -9.94 0.79 -28.56
N VAL A 232 -8.99 1.23 -29.37
CA VAL A 232 -7.86 0.41 -29.70
C VAL A 232 -6.63 1.15 -29.23
N ALA A 233 -5.79 0.44 -28.47
CA ALA A 233 -4.60 1.01 -27.86
C ALA A 233 -3.30 0.43 -28.42
N ASN A 234 -2.35 1.32 -28.64
CA ASN A 234 -1.06 1.02 -29.26
C ASN A 234 -0.05 0.89 -28.13
N TYR A 235 0.47 -0.30 -27.91
CA TYR A 235 1.49 -0.51 -26.89
C TYR A 235 2.82 0.03 -27.37
N ASN A 236 3.47 0.85 -26.56
CA ASN A 236 4.92 1.08 -26.69
C ASN A 236 5.43 1.55 -25.34
N LEU A 237 6.70 1.29 -25.06
CA LEU A 237 7.33 1.89 -23.88
C LEU A 237 7.44 3.41 -24.00
N MET A 238 7.50 4.06 -22.84
CA MET A 238 7.74 5.48 -22.69
C MET A 238 9.13 5.90 -23.22
N TYR A 239 10.08 4.99 -23.16
CA TYR A 239 11.49 5.35 -23.16
C TYR A 239 12.43 4.30 -23.74
N GLY A 240 11.95 3.50 -24.70
CA GLY A 240 12.73 2.38 -25.24
C GLY A 240 13.25 2.58 -26.66
N GLY A 241 14.43 2.02 -26.93
CA GLY A 241 15.01 1.98 -28.28
C GLY A 241 15.90 0.78 -28.53
N TYR A 242 15.99 0.36 -29.79
CA TYR A 242 16.76 -0.85 -30.16
C TYR A 242 18.29 -0.64 -30.01
N PHE A 243 19.07 -1.72 -30.08
CA PHE A 243 20.56 -1.64 -30.13
C PHE A 243 21.09 -0.58 -31.11
N ASP A 244 20.46 -0.48 -32.29
CA ASP A 244 20.88 0.42 -33.40
C ASP A 244 20.11 1.75 -33.41
N TYR A 245 19.86 2.33 -32.23
CA TYR A 245 19.03 3.53 -32.19
C TYR A 245 19.72 4.76 -32.82
N VAL A 246 21.05 4.77 -32.87
CA VAL A 246 21.79 5.86 -33.52
C VAL A 246 21.49 5.91 -35.01
N LYS A 247 21.48 4.77 -35.69
CA LYS A 247 21.08 4.74 -37.10
C LYS A 247 19.74 5.45 -37.31
N ASP A 248 18.75 5.15 -36.46
CA ASP A 248 17.41 5.79 -36.56
C ASP A 248 17.35 7.22 -35.97
N GLY A 249 18.46 7.74 -35.44
CA GLY A 249 18.58 9.16 -35.11
C GLY A 249 18.34 9.57 -33.65
N ALA A 250 18.32 8.61 -32.74
CA ALA A 250 18.30 8.91 -31.31
C ALA A 250 19.74 9.04 -30.82
N LYS A 251 19.93 9.80 -29.74
CA LYS A 251 21.24 10.16 -29.22
C LYS A 251 21.50 9.53 -27.84
N PRO A 252 22.73 9.03 -27.58
CA PRO A 252 23.14 8.62 -26.23
C PRO A 252 22.95 9.70 -25.16
N GLU A 253 23.04 10.96 -25.58
CA GLU A 253 22.89 12.12 -24.72
C GLU A 253 21.47 12.21 -24.12
N TRP A 254 20.48 11.53 -24.71
CA TRP A 254 19.10 11.48 -24.17
C TRP A 254 18.86 10.31 -23.22
N GLY A 255 19.91 9.53 -22.94
CA GLY A 255 19.79 8.22 -22.32
C GLY A 255 19.56 8.25 -20.82
N LEU A 256 19.16 7.11 -20.30
CA LEU A 256 19.10 6.86 -18.87
C LEU A 256 20.22 5.89 -18.54
N TYR A 257 20.96 6.16 -17.48
CA TYR A 257 22.20 5.46 -17.20
C TYR A 257 22.18 4.91 -15.79
N LYS A 258 22.85 3.77 -15.60
CA LYS A 258 22.91 3.09 -14.31
C LYS A 258 23.98 3.66 -13.39
N ASP A 259 24.77 4.61 -13.88
CA ASP A 259 25.91 5.20 -13.16
C ASP A 259 25.99 6.69 -13.54
N PRO A 260 26.73 7.50 -12.75
CA PRO A 260 26.83 8.93 -13.09
C PRO A 260 27.91 9.31 -14.14
N ASN A 261 28.49 8.34 -14.82
CA ASN A 261 29.59 8.55 -15.79
C ASN A 261 29.25 8.02 -17.17
N HIS A 262 27.96 8.03 -17.49
CA HIS A 262 27.39 7.51 -18.74
C HIS A 262 28.06 6.26 -19.34
N GLU A 263 28.47 5.33 -18.49
CA GLU A 263 29.14 4.10 -18.92
C GLU A 263 28.16 3.02 -19.34
N GLU A 264 27.14 2.81 -18.50
CA GLU A 264 26.16 1.76 -18.72
C GLU A 264 24.76 2.36 -18.83
N GLN A 265 24.28 2.46 -20.07
CA GLN A 265 22.91 2.89 -20.34
C GLN A 265 21.99 1.80 -19.85
N ASP A 266 20.96 2.20 -19.10
CA ASP A 266 19.98 1.23 -18.58
C ASP A 266 19.28 0.53 -19.74
N ASN A 267 18.87 -0.72 -19.49
CA ASN A 267 18.31 -1.56 -20.54
C ASN A 267 17.51 -2.77 -20.06
N HIS A 268 16.71 -3.31 -20.98
CA HIS A 268 15.86 -4.47 -20.74
C HIS A 268 16.43 -5.58 -21.62
N PRO A 269 17.10 -6.58 -21.00
CA PRO A 269 17.68 -7.65 -21.81
C PRO A 269 16.62 -8.56 -22.41
N LEU A 270 16.91 -9.08 -23.60
CA LEU A 270 15.98 -9.92 -24.31
C LEU A 270 16.69 -11.17 -24.81
N PRO A 271 15.94 -12.28 -25.00
CA PRO A 271 16.50 -13.52 -25.58
C PRO A 271 17.18 -13.29 -26.93
N HIS A 272 18.22 -14.08 -27.20
CA HIS A 272 19.19 -13.80 -28.28
C HIS A 272 18.61 -13.87 -29.72
N THR A 273 17.54 -14.64 -29.91
CA THR A 273 16.88 -14.74 -31.23
C THR A 273 15.98 -13.54 -31.59
N TRP A 274 15.79 -12.61 -30.66
CA TRP A 274 14.85 -11.49 -30.83
C TRP A 274 15.49 -10.41 -31.71
N ALA A 275 14.72 -9.40 -32.09
CA ALA A 275 15.14 -8.38 -33.07
C ALA A 275 16.33 -7.54 -32.65
N THR A 276 16.50 -7.36 -31.34
CA THR A 276 17.60 -6.62 -30.75
C THR A 276 17.93 -7.32 -29.43
N ASP A 277 19.20 -7.39 -29.08
CA ASP A 277 19.62 -8.11 -27.85
C ASP A 277 19.14 -7.45 -26.53
N ARG A 278 18.89 -6.14 -26.58
CA ARG A 278 18.28 -5.39 -25.47
C ARG A 278 17.59 -4.11 -25.95
N LEU A 279 16.65 -3.61 -25.13
CA LEU A 279 16.06 -2.30 -25.35
C LEU A 279 16.82 -1.34 -24.48
N TYR A 280 17.39 -0.30 -25.07
CA TYR A 280 18.04 0.75 -24.29
C TYR A 280 17.00 1.71 -23.81
N LEU A 281 17.24 2.28 -22.63
CA LEU A 281 16.27 3.19 -22.02
C LEU A 281 16.72 4.64 -22.08
N PHE A 282 15.74 5.51 -22.18
CA PHE A 282 15.94 6.94 -22.28
C PHE A 282 15.29 7.66 -21.13
N ASN A 283 15.73 8.90 -20.92
CA ASN A 283 15.18 9.75 -19.89
C ASN A 283 13.89 10.42 -20.37
N PRO A 284 12.73 10.06 -19.75
CA PRO A 284 11.46 10.65 -20.20
C PRO A 284 11.39 12.16 -20.07
N ALA A 285 12.12 12.71 -19.11
CA ALA A 285 12.20 14.18 -18.94
C ALA A 285 13.07 14.89 -19.98
N ASN A 286 13.86 14.17 -20.76
CA ASN A 286 14.63 14.79 -21.84
C ASN A 286 13.71 15.26 -22.98
N LYS A 287 13.77 16.54 -23.29
CA LYS A 287 12.90 17.17 -24.29
C LYS A 287 13.18 16.71 -25.74
N ASP A 288 14.42 16.30 -26.00
CA ASP A 288 14.80 15.80 -27.32
C ASP A 288 14.28 14.37 -27.54
N TRP A 289 14.37 13.53 -26.52
CA TRP A 289 13.69 12.23 -26.54
C TRP A 289 12.18 12.38 -26.76
N GLN A 290 11.55 13.28 -26.01
CA GLN A 290 10.10 13.51 -26.15
C GLN A 290 9.75 13.90 -27.59
N ASN A 291 10.46 14.90 -28.11
CA ASN A 291 10.19 15.38 -29.47
C ASN A 291 10.36 14.25 -30.51
N TYR A 292 11.45 13.48 -30.37
CA TYR A 292 11.74 12.33 -31.22
C TYR A 292 10.65 11.26 -31.12
N ILE A 293 10.35 10.78 -29.91
CA ILE A 293 9.37 9.69 -29.77
C ILE A 293 7.95 10.14 -30.13
N PHE A 294 7.58 11.37 -29.81
CA PHE A 294 6.25 11.87 -30.20
C PHE A 294 6.10 11.94 -31.72
N ASN A 295 7.19 12.26 -32.42
CA ASN A 295 7.17 12.35 -33.90
C ASN A 295 7.03 11.00 -34.58
N ALA A 296 7.75 10.02 -34.06
CA ALA A 296 7.67 8.64 -34.49
C ALA A 296 6.26 8.08 -34.26
N GLU A 297 5.68 8.37 -33.10
CA GLU A 297 4.32 7.92 -32.80
C GLU A 297 3.28 8.59 -33.68
N LYS A 298 3.46 9.89 -33.91
CA LYS A 298 2.60 10.63 -34.84
C LYS A 298 2.50 9.92 -36.20
N ASP A 299 3.63 9.46 -36.71
CA ASP A 299 3.65 8.69 -37.97
C ASP A 299 2.86 7.39 -37.86
N ALA A 300 3.08 6.64 -36.79
CA ALA A 300 2.31 5.42 -36.53
C ALA A 300 0.79 5.67 -36.45
N PHE A 301 0.39 6.70 -35.72
CA PHE A 301 -1.02 7.06 -35.57
C PHE A 301 -1.63 7.62 -36.89
N ARG A 302 -0.80 8.23 -37.74
CA ARG A 302 -1.26 8.64 -39.07
C ARG A 302 -1.61 7.44 -39.96
N VAL A 303 -0.80 6.40 -39.92
CA VAL A 303 -1.06 5.19 -40.71
C VAL A 303 -2.12 4.29 -40.05
N TYR A 304 -1.96 3.99 -38.75
CA TYR A 304 -2.81 3.01 -38.07
C TYR A 304 -3.74 3.75 -37.10
N ASN A 305 -5.05 3.63 -37.31
CA ASN A 305 -6.04 4.49 -36.66
C ASN A 305 -6.32 4.15 -35.16
N PHE A 306 -5.25 4.00 -34.37
CA PHE A 306 -5.34 3.77 -32.93
C PHE A 306 -5.98 4.98 -32.23
N ASP A 307 -6.69 4.72 -31.15
CA ASP A 307 -7.31 5.76 -30.31
C ASP A 307 -6.41 6.19 -29.14
N VAL A 308 -5.57 5.28 -28.68
CA VAL A 308 -4.85 5.43 -27.42
C VAL A 308 -3.40 5.04 -27.62
N TRP A 309 -2.48 5.71 -26.93
CA TRP A 309 -1.12 5.21 -26.76
C TRP A 309 -1.09 4.69 -25.35
N HIS A 310 -1.01 3.38 -25.23
CA HIS A 310 -0.73 2.71 -23.97
C HIS A 310 0.78 2.75 -23.70
N VAL A 311 1.17 3.64 -22.80
CA VAL A 311 2.56 3.91 -22.52
C VAL A 311 3.06 2.92 -21.44
N GLY A 312 3.85 1.94 -21.83
CA GLY A 312 4.42 1.01 -20.88
C GLY A 312 5.59 1.61 -20.11
N THR A 313 5.83 1.07 -18.91
CA THR A 313 7.06 1.33 -18.17
C THR A 313 7.57 0.01 -17.64
N LEU A 314 8.78 0.00 -17.09
CA LEU A 314 9.38 -1.23 -16.59
C LEU A 314 9.48 -1.27 -15.07
N GLY A 315 8.93 -0.25 -14.41
CA GLY A 315 8.95 -0.18 -12.95
C GLY A 315 10.21 0.47 -12.44
N PRO A 316 10.47 0.34 -11.14
CA PRO A 316 11.67 0.96 -10.57
C PRO A 316 12.97 0.39 -11.18
N ARG A 317 13.95 1.25 -11.42
CA ARG A 317 15.20 0.89 -12.10
C ARG A 317 16.43 1.03 -11.20
N GLY A 318 16.26 1.13 -9.89
CA GLY A 318 17.35 1.45 -8.99
C GLY A 318 17.74 2.91 -9.15
N MET A 319 18.95 3.25 -8.72
CA MET A 319 19.46 4.64 -8.85
C MET A 319 19.84 4.86 -10.31
N VAL A 320 19.31 5.92 -10.90
CA VAL A 320 19.55 6.20 -12.31
C VAL A 320 19.91 7.65 -12.50
N TYR A 321 20.49 7.94 -13.66
CA TYR A 321 21.13 9.23 -13.93
C TYR A 321 20.94 9.61 -15.39
N ASP A 322 20.92 10.90 -15.69
CA ASP A 322 20.96 11.35 -17.08
C ASP A 322 22.40 11.28 -17.60
N TYR A 323 22.59 11.59 -18.88
CA TYR A 323 23.90 11.50 -19.53
C TYR A 323 25.03 12.22 -18.74
N ASN A 324 24.72 13.41 -18.21
CA ASN A 324 25.69 14.21 -17.47
C ASN A 324 25.88 13.88 -15.97
N GLY A 325 25.24 12.83 -15.48
CA GLY A 325 25.46 12.32 -14.13
C GLY A 325 24.52 12.79 -13.03
N ASN A 326 23.63 13.74 -13.36
CA ASN A 326 22.55 14.17 -12.47
C ASN A 326 21.61 13.00 -12.14
N PRO A 327 21.27 12.79 -10.86
CA PRO A 327 20.29 11.73 -10.59
C PRO A 327 18.92 12.05 -11.22
N VAL A 328 18.24 11.00 -11.71
CA VAL A 328 16.87 11.11 -12.25
C VAL A 328 15.88 10.34 -11.34
N GLU A 329 14.89 11.06 -10.83
CA GLU A 329 13.79 10.47 -10.09
C GLU A 329 12.76 10.06 -11.12
N LEU A 330 12.82 8.80 -11.56
CA LEU A 330 12.03 8.34 -12.71
C LEU A 330 10.54 8.68 -12.62
N SER A 331 9.89 8.28 -11.52
CA SER A 331 8.45 8.54 -11.32
C SER A 331 8.03 10.01 -11.41
N PHE A 332 8.93 10.92 -11.03
CA PHE A 332 8.72 12.38 -11.14
C PHE A 332 8.68 12.89 -12.60
N THR A 333 9.18 12.09 -13.54
CA THR A 333 9.14 12.47 -14.96
C THR A 333 7.85 12.07 -15.69
N TYR A 334 7.11 11.12 -15.14
CA TYR A 334 6.01 10.49 -15.90
C TYR A 334 4.90 11.45 -16.35
N ALA A 335 4.32 12.20 -15.43
CA ALA A 335 3.16 13.05 -15.71
C ALA A 335 3.43 14.09 -16.82
N ASP A 336 4.59 14.75 -16.72
CA ASP A 336 5.07 15.70 -17.74
C ASP A 336 5.14 15.01 -19.10
N PHE A 337 5.78 13.84 -19.15
CA PHE A 337 5.89 13.08 -20.41
C PHE A 337 4.53 12.77 -21.00
N LEU A 338 3.65 12.23 -20.18
CA LEU A 338 2.32 11.80 -20.62
C LEU A 338 1.43 12.95 -21.09
N ASN A 339 1.48 14.07 -20.39
CA ASN A 339 0.67 15.27 -20.76
C ASN A 339 1.17 15.93 -22.05
N ASN A 340 2.50 16.00 -22.21
CA ASN A 340 3.09 16.43 -23.47
C ASN A 340 2.73 15.46 -24.59
N ALA A 341 2.75 14.16 -24.33
CA ALA A 341 2.40 13.17 -25.34
C ALA A 341 0.95 13.35 -25.80
N LYS A 342 0.04 13.52 -24.86
CA LYS A 342 -1.38 13.77 -25.19
C LYS A 342 -1.53 15.03 -26.08
N ASN A 343 -0.88 16.11 -25.69
CA ASN A 343 -0.92 17.36 -26.45
C ASN A 343 -0.28 17.21 -27.84
N ALA A 344 0.90 16.60 -27.90
CA ALA A 344 1.57 16.33 -29.18
C ALA A 344 0.77 15.50 -30.14
N LEU A 345 0.09 14.46 -29.66
CA LEU A 345 -0.57 13.51 -30.57
C LEU A 345 -2.05 13.79 -30.78
N GLY A 346 -2.70 14.56 -29.91
CA GLY A 346 -4.17 14.64 -29.91
C GLY A 346 -4.86 13.29 -29.75
N LYS A 347 -4.29 12.40 -28.94
CA LYS A 347 -4.85 11.08 -28.67
C LYS A 347 -4.95 10.85 -27.17
N ARG A 348 -5.74 9.86 -26.79
CA ARG A 348 -5.83 9.48 -25.38
C ARG A 348 -4.59 8.72 -24.91
N ILE A 349 -4.29 8.83 -23.63
CA ILE A 349 -3.13 8.19 -23.02
C ILE A 349 -3.51 7.32 -21.81
N VAL A 350 -2.87 6.16 -21.71
CA VAL A 350 -2.92 5.31 -20.53
C VAL A 350 -1.47 4.94 -20.22
N CYS A 351 -1.08 5.00 -18.95
CA CYS A 351 0.29 4.61 -18.55
C CYS A 351 0.25 3.46 -17.57
N ASN A 352 1.06 2.43 -17.83
CA ASN A 352 1.26 1.32 -16.89
C ASN A 352 2.31 1.65 -15.84
N THR A 353 1.86 1.88 -14.61
CA THR A 353 2.74 2.01 -13.45
C THR A 353 2.97 0.64 -12.80
N VAL A 354 4.04 -0.03 -13.25
CA VAL A 354 4.42 -1.36 -12.75
C VAL A 354 4.66 -1.33 -11.24
N ASN A 355 4.05 -2.27 -10.54
CA ASN A 355 4.10 -2.38 -9.09
C ASN A 355 3.78 -1.07 -8.36
N GLU A 356 2.87 -0.30 -8.96
CA GLU A 356 2.50 1.04 -8.55
C GLU A 356 3.61 2.09 -8.58
N TYR A 357 4.78 1.76 -9.14
CA TYR A 357 5.84 2.75 -9.24
C TYR A 357 5.45 3.85 -10.20
N GLY A 358 5.25 5.04 -9.64
CA GLY A 358 4.78 6.18 -10.40
C GLY A 358 3.28 6.42 -10.33
N LEU A 359 2.53 5.56 -9.66
CA LEU A 359 1.07 5.70 -9.60
C LEU A 359 0.60 6.98 -8.93
N ILE A 360 1.20 7.33 -7.81
CA ILE A 360 0.85 8.59 -7.15
C ILE A 360 1.06 9.78 -8.12
N ASN A 361 2.18 9.75 -8.83
CA ASN A 361 2.55 10.83 -9.72
C ASN A 361 1.58 10.92 -10.93
N VAL A 362 1.24 9.76 -11.50
CA VAL A 362 0.33 9.70 -12.65
C VAL A 362 -1.12 10.03 -12.24
N ALA A 363 -1.57 9.43 -11.13
CA ALA A 363 -2.94 9.63 -10.62
C ALA A 363 -3.29 11.08 -10.30
N SER A 364 -2.33 11.81 -9.74
CA SER A 364 -2.58 13.18 -9.30
C SER A 364 -2.27 14.20 -10.38
N GLY A 365 -1.36 13.88 -11.31
CA GLY A 365 -0.88 14.85 -12.31
C GLY A 365 -1.07 14.61 -13.80
N ALA A 366 -1.37 13.40 -14.23
CA ALA A 366 -1.37 13.08 -15.67
C ALA A 366 -2.79 12.92 -16.18
N ASP A 367 -3.06 13.49 -17.36
CA ASP A 367 -4.40 13.47 -17.97
C ASP A 367 -4.60 12.12 -18.70
N VAL A 368 -4.41 11.04 -17.96
CA VAL A 368 -4.61 9.69 -18.47
C VAL A 368 -6.10 9.35 -18.42
N ASP A 369 -6.56 8.47 -19.29
CA ASP A 369 -7.97 8.08 -19.30
C ASP A 369 -8.34 7.28 -18.06
N PHE A 370 -7.40 6.45 -17.61
CA PHE A 370 -7.56 5.71 -16.39
C PHE A 370 -6.19 5.19 -15.99
N LEU A 371 -6.16 4.56 -14.83
CA LEU A 371 -4.93 4.07 -14.22
C LEU A 371 -4.78 2.61 -14.53
N TYR A 372 -3.52 2.19 -14.71
CA TYR A 372 -3.19 0.82 -15.08
C TYR A 372 -1.99 0.37 -14.24
N VAL A 373 -2.20 -0.70 -13.46
CA VAL A 373 -1.17 -1.22 -12.58
C VAL A 373 -0.95 -2.70 -12.86
N GLU A 374 0.26 -3.00 -13.31
CA GLU A 374 0.73 -4.35 -13.51
C GLU A 374 1.46 -4.81 -12.26
N ILE A 375 1.06 -5.96 -11.76
CA ILE A 375 1.81 -6.60 -10.69
C ILE A 375 2.83 -7.56 -11.32
N TRP A 376 4.10 -7.40 -10.95
CA TRP A 376 5.08 -8.45 -11.16
C TRP A 376 5.28 -9.12 -9.78
N PRO A 377 5.53 -10.45 -9.76
CA PRO A 377 5.83 -11.20 -8.50
C PRO A 377 7.23 -10.93 -7.93
N PRO A 378 7.50 -11.34 -6.68
CA PRO A 378 6.63 -12.14 -5.81
C PRO A 378 5.98 -11.38 -4.66
N ALA A 379 6.28 -10.10 -4.50
CA ALA A 379 5.53 -9.25 -3.60
C ALA A 379 4.13 -9.06 -4.19
N ARG A 380 3.25 -8.52 -3.36
CA ARG A 380 1.86 -8.30 -3.75
C ARG A 380 1.10 -9.58 -4.09
N ALA A 381 1.46 -10.69 -3.44
CA ALA A 381 0.82 -11.99 -3.60
C ALA A 381 -0.50 -12.14 -2.85
N HIS A 382 -0.71 -11.36 -1.80
CA HIS A 382 -1.87 -11.54 -0.91
C HIS A 382 -3.12 -10.99 -1.59
N TYR A 383 -4.27 -11.64 -1.37
CA TYR A 383 -5.57 -11.21 -1.94
C TYR A 383 -5.86 -9.73 -1.70
N ASN A 384 -5.54 -9.21 -0.51
CA ASN A 384 -5.79 -7.84 -0.17
C ASN A 384 -5.18 -6.82 -1.14
N PHE A 385 -4.03 -7.12 -1.73
CA PHE A 385 -3.44 -6.22 -2.73
C PHE A 385 -4.30 -6.00 -3.98
N LEU A 386 -5.16 -6.95 -4.31
CA LEU A 386 -6.03 -6.78 -5.45
C LEU A 386 -6.99 -5.62 -5.14
N LYS A 387 -7.48 -5.59 -3.90
CA LYS A 387 -8.30 -4.50 -3.43
C LYS A 387 -7.49 -3.24 -3.24
N GLN A 388 -6.38 -3.36 -2.53
CA GLN A 388 -5.63 -2.16 -2.13
C GLN A 388 -5.08 -1.35 -3.30
N THR A 389 -4.73 -2.02 -4.41
CA THR A 389 -4.25 -1.34 -5.60
C THR A 389 -5.33 -0.46 -6.18
N VAL A 390 -6.55 -0.98 -6.22
CA VAL A 390 -7.69 -0.24 -6.72
C VAL A 390 -7.97 0.93 -5.75
N ASP A 391 -7.88 0.67 -4.44
CA ASP A 391 -8.06 1.72 -3.43
C ASP A 391 -7.03 2.83 -3.57
N ASN A 392 -5.76 2.47 -3.82
CA ASN A 392 -4.72 3.47 -4.03
C ASN A 392 -4.98 4.36 -5.26
N GLY A 393 -5.36 3.76 -6.36
CA GLY A 393 -5.74 4.51 -7.54
C GLY A 393 -6.87 5.51 -7.30
N TYR A 394 -7.91 5.07 -6.58
CA TYR A 394 -9.02 5.97 -6.20
C TYR A 394 -8.51 7.10 -5.31
N ASN A 395 -7.78 6.77 -4.25
CA ASN A 395 -7.28 7.79 -3.32
C ASN A 395 -6.29 8.76 -3.98
N TYR A 396 -5.28 8.24 -4.66
CA TYR A 396 -4.29 9.13 -5.30
C TYR A 396 -4.88 10.00 -6.41
N SER A 397 -5.95 9.56 -7.06
CA SER A 397 -6.66 10.37 -8.07
C SER A 397 -7.80 11.22 -7.49
N ASP A 398 -7.94 11.26 -6.18
CA ASP A 398 -9.07 11.91 -5.52
C ASP A 398 -10.40 11.45 -6.14
N GLY A 399 -10.51 10.15 -6.46
CA GLY A 399 -11.73 9.54 -7.02
C GLY A 399 -12.06 9.85 -8.47
N LYS A 400 -11.12 10.44 -9.22
CA LYS A 400 -11.41 10.88 -10.59
C LYS A 400 -11.07 9.86 -11.68
N LYS A 401 -10.26 8.87 -11.35
CA LYS A 401 -9.81 7.87 -12.31
C LYS A 401 -10.12 6.45 -11.86
N ALA A 402 -10.64 5.65 -12.78
CA ALA A 402 -10.82 4.21 -12.61
C ALA A 402 -9.45 3.50 -12.69
N THR A 403 -9.40 2.26 -12.22
CA THR A 403 -8.14 1.49 -12.16
C THR A 403 -8.29 0.12 -12.82
N VAL A 404 -7.36 -0.16 -13.74
CA VAL A 404 -7.22 -1.49 -14.34
C VAL A 404 -5.99 -2.17 -13.74
N VAL A 405 -6.13 -3.46 -13.45
CA VAL A 405 -5.06 -4.28 -12.88
C VAL A 405 -4.70 -5.37 -13.88
N ALA A 406 -3.40 -5.58 -14.10
CA ALA A 406 -2.86 -6.76 -14.75
C ALA A 406 -2.25 -7.62 -13.65
N ALA A 407 -2.78 -8.82 -13.53
CA ALA A 407 -2.44 -9.72 -12.44
C ALA A 407 -2.52 -11.11 -13.05
N TYR A 408 -1.36 -11.63 -13.44
CA TYR A 408 -1.33 -12.77 -14.36
C TYR A 408 -1.58 -14.05 -13.56
N MET A 409 -2.70 -14.72 -13.87
CA MET A 409 -3.15 -15.84 -13.07
C MET A 409 -2.33 -17.09 -13.34
N ASN A 410 -2.15 -17.90 -12.29
CA ASN A 410 -1.51 -19.21 -12.39
C ASN A 410 -0.11 -19.10 -12.98
N TYR A 411 0.56 -18.00 -12.66
CA TYR A 411 1.83 -17.64 -13.25
C TYR A 411 2.90 -18.71 -12.99
N GLY A 412 2.90 -19.32 -11.80
CA GLY A 412 3.85 -20.41 -11.50
C GLY A 412 3.79 -21.63 -12.41
N ILE A 413 2.68 -21.85 -13.09
CA ILE A 413 2.58 -22.91 -14.11
C ILE A 413 2.48 -22.38 -15.54
N ALA A 414 2.87 -21.12 -15.74
CA ALA A 414 2.73 -20.50 -17.06
C ALA A 414 3.65 -21.09 -18.14
N ASP A 415 4.71 -21.81 -17.75
CA ASP A 415 5.55 -22.57 -18.72
C ASP A 415 5.10 -24.00 -18.93
N ARG A 416 3.97 -24.41 -18.34
CA ARG A 416 3.40 -25.73 -18.56
C ARG A 416 2.35 -25.69 -19.65
N SER A 417 2.29 -26.74 -20.46
CA SER A 417 1.08 -27.01 -21.24
C SER A 417 0.03 -27.47 -20.26
N ALA A 418 -0.97 -26.61 -20.00
CA ALA A 418 -1.86 -26.80 -18.86
C ALA A 418 -3.09 -25.87 -18.95
N GLU A 419 -3.95 -25.91 -17.92
CA GLU A 419 -5.15 -25.08 -17.91
C GLU A 419 -5.15 -24.09 -16.75
N PHE A 420 -5.77 -22.95 -17.01
CA PHE A 420 -6.10 -22.00 -15.95
C PHE A 420 -7.00 -22.73 -14.95
N ASN A 421 -6.80 -22.46 -13.67
CA ASN A 421 -7.65 -22.96 -12.64
C ASN A 421 -8.93 -22.13 -12.59
N LYS A 422 -10.06 -22.76 -12.85
CA LYS A 422 -11.33 -22.04 -12.90
C LYS A 422 -11.83 -21.46 -11.57
N HIS A 423 -11.26 -21.92 -10.45
CA HIS A 423 -11.62 -21.43 -9.12
C HIS A 423 -10.86 -20.21 -8.72
N SER A 424 -9.54 -20.29 -8.79
CA SER A 424 -8.72 -19.14 -8.49
C SER A 424 -8.93 -17.97 -9.47
N VAL A 425 -9.22 -18.24 -10.73
CA VAL A 425 -9.50 -17.15 -11.68
C VAL A 425 -10.75 -16.35 -11.30
N ARG A 426 -11.75 -17.05 -10.76
CA ARG A 426 -13.01 -16.40 -10.35
C ARG A 426 -12.84 -15.61 -9.06
N LEU A 427 -12.11 -16.18 -8.10
CA LEU A 427 -11.84 -15.47 -6.86
C LEU A 427 -11.01 -14.19 -7.11
N THR A 428 -10.02 -14.26 -7.99
CA THR A 428 -9.23 -13.10 -8.33
C THR A 428 -10.09 -12.02 -8.97
N ASP A 429 -10.96 -12.40 -9.90
CA ASP A 429 -11.84 -11.42 -10.51
C ASP A 429 -12.87 -10.84 -9.55
N ALA A 430 -13.41 -11.65 -8.65
CA ALA A 430 -14.31 -11.14 -7.62
C ALA A 430 -13.60 -10.10 -6.78
N ALA A 431 -12.34 -10.39 -6.42
CA ALA A 431 -11.53 -9.49 -5.62
C ALA A 431 -11.30 -8.13 -6.28
N ILE A 432 -10.97 -8.14 -7.57
CA ILE A 432 -10.72 -6.92 -8.31
C ILE A 432 -12.05 -6.18 -8.62
N PHE A 433 -13.04 -6.91 -9.11
CA PHE A 433 -14.30 -6.31 -9.56
C PHE A 433 -15.05 -5.68 -8.38
N ALA A 434 -15.17 -6.42 -7.27
CA ALA A 434 -15.83 -5.92 -6.03
C ALA A 434 -15.21 -4.65 -5.45
N ALA A 435 -13.89 -4.53 -5.59
CA ALA A 435 -13.17 -3.36 -5.14
C ALA A 435 -13.37 -2.13 -6.08
N GLY A 436 -13.99 -2.33 -7.23
CA GLY A 436 -14.21 -1.28 -8.21
C GLY A 436 -13.16 -1.25 -9.30
N GLY A 437 -12.44 -2.35 -9.49
CA GLY A 437 -11.40 -2.44 -10.50
C GLY A 437 -11.85 -3.19 -11.71
N ASP A 438 -10.95 -3.22 -12.68
CA ASP A 438 -11.04 -4.04 -13.90
C ASP A 438 -9.75 -4.84 -14.02
N HIS A 439 -9.85 -6.01 -14.64
CA HIS A 439 -8.75 -6.95 -14.76
C HIS A 439 -8.51 -7.22 -16.22
N ILE A 440 -7.37 -6.78 -16.73
CA ILE A 440 -6.99 -7.06 -18.12
C ILE A 440 -6.50 -8.51 -18.18
N GLU A 441 -7.27 -9.34 -18.88
CA GLU A 441 -7.00 -10.78 -18.90
C GLU A 441 -7.44 -11.54 -20.16
N LEU A 442 -8.45 -11.07 -20.89
CA LEU A 442 -8.98 -11.79 -22.04
C LEU A 442 -8.49 -11.17 -23.34
N GLY A 443 -8.26 -12.03 -24.33
CA GLY A 443 -7.77 -11.59 -25.62
C GLY A 443 -7.81 -12.66 -26.69
N ASP A 444 -7.16 -12.36 -27.80
CA ASP A 444 -7.18 -13.25 -28.95
C ASP A 444 -6.61 -14.63 -28.64
N THR A 445 -5.62 -14.71 -27.74
CA THR A 445 -5.03 -15.99 -27.37
C THR A 445 -5.77 -16.69 -26.22
N GLY A 446 -6.88 -16.12 -25.74
CA GLY A 446 -7.66 -16.73 -24.67
C GLY A 446 -7.50 -15.88 -23.43
N MET A 447 -6.54 -16.24 -22.56
CA MET A 447 -6.33 -15.55 -21.28
C MET A 447 -4.83 -15.34 -20.99
N LEU A 448 -4.48 -14.25 -20.32
CA LEU A 448 -3.07 -13.92 -20.07
C LEU A 448 -2.49 -14.80 -18.98
N SER A 449 -1.33 -15.39 -19.21
CA SER A 449 -0.60 -16.11 -18.16
C SER A 449 0.73 -15.49 -17.77
N LYS A 450 1.19 -14.50 -18.55
CA LYS A 450 2.43 -13.80 -18.21
C LYS A 450 2.60 -12.48 -18.93
N GLU A 451 3.60 -11.72 -18.48
CA GLU A 451 3.78 -10.34 -18.95
C GLU A 451 4.03 -10.25 -20.45
N TYR A 452 4.62 -11.31 -21.03
CA TYR A 452 4.74 -11.44 -22.47
C TYR A 452 3.41 -11.97 -23.00
N PHE A 453 2.54 -11.07 -23.46
CA PHE A 453 1.13 -11.42 -23.79
C PHE A 453 0.95 -12.57 -24.78
N PRO A 454 1.81 -12.66 -25.82
CA PRO A 454 1.68 -13.79 -26.73
C PRO A 454 1.94 -15.18 -26.11
N SER A 455 2.57 -15.28 -24.93
CA SER A 455 2.77 -16.60 -24.30
C SER A 455 1.42 -17.19 -23.90
N ALA A 456 1.07 -18.35 -24.46
CA ALA A 456 -0.28 -18.91 -24.35
C ALA A 456 -0.30 -20.41 -24.03
N ASN A 457 0.60 -20.84 -23.15
CA ASN A 457 0.65 -22.24 -22.73
C ASN A 457 -0.52 -22.69 -21.87
N LEU A 458 -1.17 -21.74 -21.19
CA LEU A 458 -2.34 -22.04 -20.37
C LEU A 458 -3.58 -21.78 -21.19
N LYS A 459 -4.48 -22.74 -21.20
CA LYS A 459 -5.76 -22.61 -21.91
C LYS A 459 -6.89 -22.53 -20.90
N MET A 460 -7.97 -21.87 -21.30
CA MET A 460 -9.21 -21.84 -20.52
C MET A 460 -10.04 -23.05 -20.87
N SER A 461 -10.49 -23.80 -19.89
CA SER A 461 -11.48 -24.85 -20.10
C SER A 461 -12.85 -24.23 -20.46
N GLU A 462 -13.72 -25.07 -21.00
CA GLU A 462 -15.11 -24.69 -21.33
C GLU A 462 -15.86 -24.17 -20.12
N SER A 463 -15.65 -24.79 -18.95
CA SER A 463 -16.29 -24.30 -17.71
C SER A 463 -15.79 -22.91 -17.33
N LEU A 464 -14.51 -22.66 -17.53
CA LEU A 464 -13.98 -21.34 -17.18
C LEU A 464 -14.56 -20.29 -18.12
N VAL A 465 -14.58 -20.60 -19.42
CA VAL A 465 -15.15 -19.68 -20.41
C VAL A 465 -16.57 -19.26 -19.98
N LYS A 466 -17.38 -20.24 -19.60
CA LYS A 466 -18.74 -20.02 -19.15
C LYS A 466 -18.80 -19.13 -17.89
N ALA A 467 -17.87 -19.37 -16.95
CA ALA A 467 -17.74 -18.49 -15.80
C ALA A 467 -17.39 -17.07 -16.20
N MET A 468 -16.41 -16.91 -17.07
CA MET A 468 -16.02 -15.56 -17.53
C MET A 468 -17.13 -14.81 -18.25
N ARG A 469 -17.95 -15.50 -19.03
CA ARG A 469 -19.11 -14.84 -19.63
C ARG A 469 -20.00 -14.23 -18.54
N ASN A 470 -20.26 -15.01 -17.49
CA ASN A 470 -21.09 -14.52 -16.36
C ASN A 470 -20.44 -13.37 -15.62
N TYR A 471 -19.15 -13.50 -15.37
CA TYR A 471 -18.40 -12.50 -14.60
C TYR A 471 -18.29 -11.18 -15.39
N TYR A 472 -18.04 -11.26 -16.69
CA TYR A 472 -18.01 -10.05 -17.52
C TYR A 472 -19.41 -9.45 -17.74
N ASP A 473 -20.47 -10.26 -17.86
CA ASP A 473 -21.82 -9.70 -17.88
C ASP A 473 -22.04 -8.93 -16.58
N PHE A 474 -21.61 -9.51 -15.47
CA PHE A 474 -21.81 -8.93 -14.14
C PHE A 474 -21.03 -7.61 -13.98
N LEU A 475 -19.76 -7.62 -14.39
CA LEU A 475 -18.90 -6.43 -14.38
C LEU A 475 -19.55 -5.26 -15.12
N THR A 476 -20.32 -5.57 -16.15
CA THR A 476 -20.98 -4.57 -16.98
C THR A 476 -22.32 -4.12 -16.37
N ALA A 477 -23.22 -5.07 -16.10
CA ALA A 477 -24.59 -4.75 -15.65
C ALA A 477 -24.65 -4.07 -14.28
N TYR A 478 -23.64 -4.29 -13.44
CA TYR A 478 -23.61 -3.73 -12.09
C TYR A 478 -22.50 -2.71 -11.89
N GLU A 479 -21.99 -2.17 -13.01
CA GLU A 479 -20.95 -1.15 -12.95
C GLU A 479 -21.31 0.06 -12.10
N ASN A 480 -22.61 0.41 -12.06
CA ASN A 480 -23.07 1.51 -11.21
C ASN A 480 -22.96 1.24 -9.70
N LEU A 481 -23.03 -0.02 -9.29
CA LEU A 481 -22.81 -0.40 -7.89
C LEU A 481 -21.36 -0.80 -7.55
N LEU A 482 -20.52 -1.02 -8.55
CA LEU A 482 -19.13 -1.44 -8.35
C LEU A 482 -18.14 -0.31 -8.42
N ARG A 483 -18.34 0.65 -9.31
CA ARG A 483 -17.35 1.71 -9.49
C ARG A 483 -17.98 3.00 -9.99
N ASP A 484 -19.04 3.42 -9.32
CA ASP A 484 -19.70 4.68 -9.63
C ASP A 484 -20.16 5.42 -8.35
N GLY A 485 -19.36 6.41 -7.94
CA GLY A 485 -19.74 7.29 -6.84
C GLY A 485 -19.69 6.65 -5.46
N LEU A 486 -18.90 5.59 -5.31
CA LEU A 486 -18.81 4.86 -4.04
C LEU A 486 -17.69 5.37 -3.12
N LYS A 487 -18.00 5.39 -1.83
CA LYS A 487 -17.01 5.58 -0.77
C LYS A 487 -17.07 4.37 0.12
N GLU A 488 -15.95 4.12 0.79
CA GLU A 488 -15.85 3.12 1.84
C GLU A 488 -16.80 3.44 2.99
N SER A 489 -17.46 2.40 3.49
CA SER A 489 -18.35 2.48 4.65
C SER A 489 -17.64 1.89 5.86
N ASP A 490 -17.90 2.44 7.04
CA ASP A 490 -17.36 1.90 8.30
C ASP A 490 -18.43 1.19 9.14
N ASN A 491 -19.67 1.10 8.62
CA ASN A 491 -20.72 0.29 9.22
C ASN A 491 -20.24 -1.14 9.39
N LYS A 492 -20.43 -1.69 10.59
CA LYS A 492 -19.96 -3.03 10.94
C LYS A 492 -20.78 -4.13 10.24
N ILE A 493 -20.07 -5.15 9.76
CA ILE A 493 -20.67 -6.36 9.19
C ILE A 493 -20.31 -7.50 10.10
N GLU A 494 -21.30 -8.35 10.40
CA GLU A 494 -21.04 -9.68 10.99
C GLU A 494 -21.73 -10.75 10.17
N ILE A 495 -21.13 -11.94 10.17
CA ILE A 495 -21.73 -13.14 9.63
C ILE A 495 -21.66 -14.19 10.74
N PRO A 496 -22.69 -14.24 11.60
CA PRO A 496 -22.67 -15.14 12.76
C PRO A 496 -22.34 -16.61 12.40
N GLY A 497 -21.37 -17.17 13.10
CA GLY A 497 -20.97 -18.54 12.92
C GLY A 497 -19.86 -18.75 11.91
N ILE A 498 -19.54 -17.72 11.11
CA ILE A 498 -18.57 -17.85 10.02
C ILE A 498 -17.42 -16.91 10.31
N GLU A 499 -16.19 -17.35 10.10
CA GLU A 499 -15.07 -16.45 10.26
C GLU A 499 -15.08 -15.42 9.10
N ILE A 500 -14.86 -14.15 9.42
CA ILE A 500 -14.81 -13.09 8.42
C ILE A 500 -13.52 -12.28 8.50
N SER A 501 -13.21 -11.55 7.45
CA SER A 501 -12.10 -10.59 7.47
C SER A 501 -12.45 -9.50 6.52
N ASN A 502 -11.84 -8.34 6.69
CA ASN A 502 -12.04 -7.25 5.76
C ASN A 502 -10.91 -7.21 4.72
N ASN A 503 -9.95 -8.16 4.78
CA ASN A 503 -8.70 -8.05 4.02
C ASN A 503 -8.25 -9.31 3.26
N GLY A 504 -9.18 -10.22 2.98
CA GLY A 504 -8.88 -11.41 2.20
C GLY A 504 -8.05 -12.45 2.95
N SER A 505 -8.24 -12.57 4.26
CA SER A 505 -7.51 -13.55 5.06
C SER A 505 -8.02 -14.95 4.78
N ALA A 506 -7.12 -15.92 4.90
CA ALA A 506 -7.40 -17.34 4.66
C ALA A 506 -8.47 -17.88 5.63
N ARG A 507 -9.29 -18.79 5.15
CA ARG A 507 -10.31 -19.45 5.98
C ARG A 507 -11.31 -18.46 6.53
N THR A 508 -11.67 -17.48 5.72
CA THR A 508 -12.69 -16.47 6.07
C THR A 508 -13.56 -16.18 4.86
N VAL A 509 -14.74 -15.61 5.12
CA VAL A 509 -15.44 -14.85 4.10
C VAL A 509 -14.89 -13.43 4.19
N TRP A 510 -14.29 -12.97 3.11
CA TRP A 510 -13.82 -11.60 2.98
C TRP A 510 -15.04 -10.74 2.71
N THR A 511 -15.29 -9.77 3.57
CA THR A 511 -16.46 -8.92 3.45
C THR A 511 -16.19 -7.49 3.90
N TYR A 512 -16.79 -6.57 3.18
CA TYR A 512 -16.67 -5.14 3.44
C TYR A 512 -17.82 -4.43 2.76
N ALA A 513 -18.05 -3.19 3.13
CA ALA A 513 -19.22 -2.46 2.68
C ALA A 513 -18.81 -1.13 2.05
N LYS A 514 -19.62 -0.66 1.11
CA LYS A 514 -19.45 0.64 0.53
C LYS A 514 -20.79 1.33 0.42
N GLN A 515 -20.75 2.64 0.24
CA GLN A 515 -21.97 3.41 0.07
C GLN A 515 -21.85 4.44 -1.03
N LYS A 516 -22.98 4.69 -1.65
CA LYS A 516 -23.13 5.74 -2.63
C LYS A 516 -24.51 6.35 -2.44
N ASP A 517 -24.79 7.41 -3.17
CA ASP A 517 -26.14 7.96 -3.17
C ASP A 517 -27.15 6.85 -3.54
N GLY A 518 -28.13 6.62 -2.67
CA GLY A 518 -29.22 5.70 -2.96
C GLY A 518 -28.99 4.24 -2.59
N TYR A 519 -27.73 3.84 -2.34
CA TYR A 519 -27.44 2.42 -2.10
C TYR A 519 -26.30 2.19 -1.13
N ASP A 520 -26.43 1.17 -0.30
CA ASP A 520 -25.30 0.57 0.40
C ASP A 520 -25.06 -0.80 -0.25
N VAL A 521 -23.79 -1.14 -0.43
CA VAL A 521 -23.36 -2.39 -1.09
C VAL A 521 -22.47 -3.18 -0.15
N ILE A 522 -22.76 -4.47 0.03
CA ILE A 522 -21.92 -5.37 0.83
C ILE A 522 -21.42 -6.47 -0.10
N HIS A 523 -20.12 -6.70 -0.05
CA HIS A 523 -19.50 -7.76 -0.81
C HIS A 523 -19.10 -8.91 0.10
N MET A 524 -19.29 -10.12 -0.38
CA MET A 524 -18.82 -11.33 0.29
C MET A 524 -18.08 -12.18 -0.71
N ILE A 525 -16.80 -12.46 -0.41
CA ILE A 525 -15.96 -13.29 -1.25
C ILE A 525 -15.50 -14.50 -0.44
N ASN A 526 -15.77 -15.68 -0.94
CA ASN A 526 -15.60 -16.89 -0.17
C ASN A 526 -14.16 -17.47 -0.19
N LEU A 527 -13.40 -17.16 0.85
CA LEU A 527 -12.07 -17.78 1.03
C LEU A 527 -12.08 -18.86 2.10
N LEU A 528 -13.24 -19.46 2.36
CA LEU A 528 -13.31 -20.49 3.39
C LEU A 528 -12.52 -21.75 3.01
N GLY A 529 -12.40 -22.00 1.70
CA GLY A 529 -11.59 -23.10 1.16
C GLY A 529 -10.11 -22.81 1.00
N ILE A 530 -9.68 -21.59 1.34
CA ILE A 530 -8.33 -21.10 1.06
C ILE A 530 -7.48 -21.20 2.30
N GLU A 531 -6.43 -22.02 2.20
CA GLU A 531 -5.44 -22.25 3.26
C GLU A 531 -4.41 -21.12 3.28
N VAL A 532 -4.02 -20.63 2.11
CA VAL A 532 -2.99 -19.60 1.99
C VAL A 532 -3.52 -18.49 1.07
N SER A 533 -3.54 -17.23 1.54
CA SER A 533 -4.16 -16.12 0.79
C SER A 533 -3.35 -15.51 -0.37
N ASN A 534 -2.94 -16.36 -1.28
CA ASN A 534 -2.23 -16.00 -2.46
C ASN A 534 -3.21 -16.03 -3.63
N TRP A 535 -3.51 -14.86 -4.21
CA TRP A 535 -4.46 -14.77 -5.34
C TRP A 535 -3.97 -15.52 -6.60
N ARG A 536 -2.65 -15.68 -6.75
CA ARG A 536 -2.12 -16.19 -7.97
C ARG A 536 -2.38 -17.68 -8.23
N ASP A 537 -2.46 -18.50 -7.17
CA ASP A 537 -2.64 -19.94 -7.31
C ASP A 537 -1.56 -20.47 -8.26
N ASP A 538 -0.31 -20.44 -7.78
CA ASP A 538 0.85 -20.77 -8.61
C ASP A 538 0.99 -22.18 -9.16
N LEU A 539 0.38 -23.16 -8.51
CA LEU A 539 0.31 -24.52 -9.03
C LEU A 539 -1.00 -24.74 -9.78
N GLY A 540 -1.85 -23.72 -9.87
CA GLY A 540 -3.10 -23.84 -10.59
C GLY A 540 -3.97 -24.92 -10.01
N ASN A 541 -3.97 -25.06 -8.68
CA ASN A 541 -4.64 -26.22 -8.04
C ASN A 541 -5.69 -25.90 -6.98
N TYR A 542 -6.21 -24.67 -6.97
CA TYR A 542 -7.25 -24.32 -6.00
C TYR A 542 -8.53 -25.10 -6.33
N SER A 543 -9.45 -25.11 -5.37
CA SER A 543 -10.66 -25.91 -5.47
C SER A 543 -11.89 -25.08 -5.30
N ALA A 544 -13.04 -25.70 -5.52
CA ALA A 544 -14.30 -24.98 -5.37
C ALA A 544 -14.41 -24.58 -3.92
N PRO A 545 -14.74 -23.30 -3.65
CA PRO A 545 -15.01 -22.93 -2.26
C PRO A 545 -16.16 -23.75 -1.68
N PRO A 546 -16.17 -23.94 -0.36
CA PRO A 546 -17.35 -24.51 0.29
C PRO A 546 -18.59 -23.68 -0.02
N ILE A 547 -19.75 -24.30 -0.12
CA ILE A 547 -20.98 -23.58 -0.38
C ILE A 547 -21.73 -23.41 0.94
N ILE A 548 -22.11 -22.17 1.26
CA ILE A 548 -22.89 -21.85 2.45
C ILE A 548 -24.28 -21.43 2.00
N LYS A 549 -25.32 -22.09 2.53
CA LYS A 549 -26.70 -21.74 2.20
C LYS A 549 -27.47 -21.29 3.42
N ASP A 550 -28.38 -20.33 3.22
CA ASP A 550 -29.38 -19.89 4.18
C ASP A 550 -28.73 -19.43 5.47
N PHE A 551 -27.85 -18.43 5.35
CA PHE A 551 -27.12 -17.91 6.49
C PHE A 551 -27.54 -16.45 6.70
N LYS A 552 -27.04 -15.85 7.78
CA LYS A 552 -27.40 -14.50 8.12
C LYS A 552 -26.21 -13.61 8.01
N VAL A 553 -26.45 -12.40 7.52
CA VAL A 553 -25.51 -11.31 7.60
C VAL A 553 -26.15 -10.20 8.45
N LYS A 554 -25.36 -9.66 9.36
CA LYS A 554 -25.74 -8.52 10.17
C LYS A 554 -25.03 -7.28 9.65
N TYR A 555 -25.79 -6.26 9.34
CA TYR A 555 -25.25 -5.00 8.86
C TYR A 555 -25.70 -3.89 9.79
N TYR A 556 -24.74 -3.30 10.50
CA TYR A 556 -25.04 -2.28 11.52
C TYR A 556 -25.22 -0.92 10.86
N LEU A 557 -26.48 -0.52 10.73
CA LEU A 557 -26.86 0.60 9.91
C LEU A 557 -27.36 1.73 10.78
N GLU A 558 -26.96 2.94 10.42
CA GLU A 558 -27.39 4.17 11.11
C GLU A 558 -28.90 4.40 10.92
N ASN A 559 -29.38 4.32 9.67
CA ASN A 559 -30.75 4.76 9.32
C ASN A 559 -31.83 3.68 9.17
N ASP A 560 -33.07 4.12 9.28
CA ASP A 560 -34.25 3.26 9.36
C ASP A 560 -35.07 3.17 8.06
N ASN A 561 -34.89 4.10 7.11
CA ASN A 561 -35.78 4.17 5.92
C ASN A 561 -35.41 3.12 4.85
N ILE A 562 -35.23 1.88 5.28
CA ILE A 562 -34.79 0.78 4.42
C ILE A 562 -36.02 -0.05 4.12
N LYS A 563 -36.45 0.02 2.87
CA LYS A 563 -37.57 -0.76 2.39
C LYS A 563 -37.12 -2.11 1.80
N ASN A 564 -36.04 -2.10 1.02
CA ASN A 564 -35.60 -3.31 0.30
C ASN A 564 -34.12 -3.61 0.33
N VAL A 565 -33.83 -4.91 0.32
CA VAL A 565 -32.50 -5.45 0.28
C VAL A 565 -32.48 -6.50 -0.82
N TYR A 566 -31.42 -6.45 -1.64
CA TYR A 566 -31.27 -7.32 -2.80
C TYR A 566 -29.92 -8.03 -2.81
N LEU A 567 -29.84 -9.09 -3.59
CA LEU A 567 -28.57 -9.72 -3.88
C LEU A 567 -28.43 -10.07 -5.36
N ALA A 568 -27.21 -9.93 -5.85
CA ALA A 568 -26.85 -10.46 -7.16
C ALA A 568 -25.47 -11.08 -7.09
N SER A 569 -25.28 -12.15 -7.88
CA SER A 569 -24.02 -12.85 -7.99
C SER A 569 -23.88 -13.46 -9.37
N PRO A 570 -22.68 -13.35 -9.98
CA PRO A 570 -22.45 -14.09 -11.24
C PRO A 570 -22.51 -15.61 -11.08
N ASP A 571 -22.45 -16.10 -9.83
CA ASP A 571 -22.57 -17.52 -9.54
C ASP A 571 -24.01 -18.00 -9.47
N ILE A 572 -24.99 -17.12 -9.27
CA ILE A 572 -26.37 -17.54 -9.00
C ILE A 572 -27.27 -16.97 -10.08
N ASN A 573 -27.91 -17.87 -10.83
CA ASN A 573 -28.80 -17.52 -11.93
C ASN A 573 -28.23 -16.46 -12.86
N ASP A 574 -26.96 -16.59 -13.19
CA ASP A 574 -26.32 -15.71 -14.15
C ASP A 574 -26.49 -14.21 -13.86
N GLY A 575 -26.34 -13.84 -12.58
CA GLY A 575 -26.41 -12.44 -12.15
C GLY A 575 -27.78 -11.82 -11.96
N LYS A 576 -28.85 -12.59 -12.05
CA LYS A 576 -30.19 -12.02 -11.87
C LYS A 576 -30.38 -11.52 -10.43
N VAL A 577 -30.93 -10.34 -10.28
CA VAL A 577 -31.23 -9.81 -8.95
C VAL A 577 -32.29 -10.65 -8.21
N MET A 578 -32.02 -10.92 -6.94
CA MET A 578 -32.99 -11.52 -6.02
C MET A 578 -33.28 -10.57 -4.84
N LYS A 579 -34.54 -10.45 -4.47
CA LYS A 579 -34.94 -9.75 -3.27
C LYS A 579 -34.63 -10.62 -2.05
N LEU A 580 -34.08 -10.06 -0.99
CA LEU A 580 -33.77 -10.87 0.19
C LEU A 580 -34.73 -10.54 1.31
N GLN A 581 -35.01 -11.53 2.14
CA GLN A 581 -35.71 -11.29 3.41
C GLN A 581 -34.74 -10.60 4.37
N PHE A 582 -35.26 -9.65 5.15
CA PHE A 582 -34.49 -9.04 6.25
C PHE A 582 -35.39 -8.58 7.37
N LYS A 583 -34.76 -8.39 8.54
CA LYS A 583 -35.42 -7.87 9.75
C LYS A 583 -34.53 -6.79 10.37
N LYS A 584 -35.15 -5.78 10.96
CA LYS A 584 -34.42 -4.78 11.78
C LYS A 584 -34.38 -5.25 13.21
N LYS A 585 -33.19 -5.28 13.79
CA LYS A 585 -32.98 -5.82 15.14
C LYS A 585 -32.01 -4.92 15.88
N GLU A 586 -31.75 -5.25 17.13
CA GLU A 586 -30.82 -4.50 17.97
C GLU A 586 -30.23 -5.42 19.01
N ASP A 587 -28.92 -5.30 19.24
CA ASP A 587 -28.26 -6.09 20.26
C ASP A 587 -27.22 -5.19 20.94
N SER A 588 -26.30 -5.77 21.71
CA SER A 588 -25.31 -4.99 22.48
C SER A 588 -24.44 -4.04 21.65
N LYS A 589 -24.28 -4.30 20.35
CA LYS A 589 -23.49 -3.45 19.45
C LYS A 589 -24.34 -2.47 18.64
N GLY A 590 -25.66 -2.46 18.83
CA GLY A 590 -26.53 -1.43 18.23
C GLY A 590 -27.58 -1.98 17.27
N LYS A 591 -28.20 -1.09 16.51
CA LYS A 591 -29.21 -1.47 15.53
C LYS A 591 -28.56 -2.07 14.30
N TYR A 592 -29.18 -3.11 13.75
CA TYR A 592 -28.66 -3.74 12.53
C TYR A 592 -29.79 -4.32 11.73
N LEU A 593 -29.49 -4.54 10.43
CA LEU A 593 -30.31 -5.39 9.58
C LEU A 593 -29.76 -6.79 9.62
N GLU A 594 -30.66 -7.73 9.88
CA GLU A 594 -30.36 -9.14 9.79
C GLU A 594 -30.89 -9.61 8.44
N ILE A 595 -29.96 -9.92 7.54
CA ILE A 595 -30.24 -10.22 6.14
C ILE A 595 -30.13 -11.72 5.91
N SER A 596 -31.18 -12.34 5.35
CA SER A 596 -31.13 -13.76 4.99
C SER A 596 -30.56 -14.00 3.60
N VAL A 597 -29.43 -14.70 3.55
CA VAL A 597 -28.70 -14.95 2.32
C VAL A 597 -28.88 -16.41 1.90
N PRO A 598 -29.53 -16.68 0.73
CA PRO A 598 -29.76 -18.08 0.32
C PRO A 598 -28.50 -18.89 -0.01
N GLU A 599 -27.49 -18.24 -0.58
CA GLU A 599 -26.31 -18.96 -1.07
C GLU A 599 -25.11 -18.08 -1.31
N LEU A 600 -23.94 -18.60 -0.95
CA LEU A 600 -22.64 -18.05 -1.35
C LEU A 600 -21.75 -19.18 -1.86
N GLN A 601 -21.23 -19.01 -3.09
CA GLN A 601 -20.27 -19.91 -3.72
C GLN A 601 -18.89 -19.21 -3.77
N TYR A 602 -18.74 -18.21 -4.65
CA TYR A 602 -17.51 -17.44 -4.82
C TYR A 602 -17.71 -16.01 -4.35
N TRP A 603 -18.69 -15.32 -4.93
CA TRP A 603 -18.89 -13.90 -4.72
C TRP A 603 -20.35 -13.48 -4.73
N ASP A 604 -20.82 -12.84 -3.65
CA ASP A 604 -22.16 -12.28 -3.57
C ASP A 604 -22.07 -10.76 -3.36
N MET A 605 -22.93 -10.02 -4.04
CA MET A 605 -23.09 -8.59 -3.82
C MET A 605 -24.49 -8.33 -3.29
N ILE A 606 -24.56 -7.94 -2.03
CA ILE A 606 -25.78 -7.49 -1.41
C ILE A 606 -25.85 -5.99 -1.64
N PHE A 607 -27.04 -5.51 -1.98
CA PHE A 607 -27.24 -4.09 -2.09
C PHE A 607 -28.55 -3.65 -1.46
N ILE A 608 -28.47 -2.59 -0.66
CA ILE A 608 -29.58 -2.07 0.14
C ILE A 608 -30.03 -0.75 -0.45
N LYS A 609 -31.30 -0.66 -0.83
CA LYS A 609 -31.85 0.57 -1.36
C LYS A 609 -32.23 1.53 -0.22
N LYS A 610 -31.59 2.71 -0.20
CA LYS A 610 -31.82 3.79 0.79
C LYS A 610 -32.60 4.96 0.15
N LEU A 611 -32.90 5.99 0.94
CA LEU A 611 -33.36 7.30 0.43
C LEU A 611 -32.33 8.39 0.73
N ASN B 25 0.44 36.33 33.12
CA ASN B 25 1.27 35.10 32.99
C ASN B 25 2.68 35.40 32.44
N ILE B 26 3.67 35.39 33.34
CA ILE B 26 5.08 35.61 32.98
C ILE B 26 5.76 34.45 32.22
N PHE B 27 5.07 33.29 32.15
CA PHE B 27 5.55 32.07 31.48
C PHE B 27 5.21 31.95 29.98
N SER B 28 4.12 32.58 29.53
CA SER B 28 3.81 32.71 28.10
C SER B 28 4.91 33.55 27.39
N PHE B 29 5.29 33.13 26.18
CA PHE B 29 6.44 33.74 25.48
C PHE B 29 6.14 35.13 24.86
N LYS B 30 4.90 35.33 24.43
CA LYS B 30 4.42 36.66 23.98
C LYS B 30 4.45 37.73 25.10
N ASP B 31 4.35 37.30 26.36
CA ASP B 31 4.46 38.21 27.51
C ASP B 31 5.88 38.79 27.56
N ASP B 32 5.96 40.09 27.87
CA ASP B 32 7.21 40.85 27.81
C ASP B 32 8.15 40.55 28.99
N ASN B 33 7.60 39.99 30.07
CA ASN B 33 8.41 39.48 31.19
C ASN B 33 9.15 38.16 30.84
N ASN B 34 8.64 37.40 29.86
CA ASN B 34 9.40 36.30 29.27
C ASN B 34 10.45 36.86 28.32
N ILE B 35 11.72 36.86 28.75
CA ILE B 35 12.87 37.22 27.89
C ILE B 35 13.80 36.01 27.71
N VAL B 36 13.19 34.82 27.67
CA VAL B 36 13.92 33.55 27.57
C VAL B 36 14.86 33.56 26.36
N ALA B 37 14.39 34.14 25.25
CA ALA B 37 15.20 34.34 24.01
C ALA B 37 16.67 34.77 24.21
N LEU B 38 16.92 35.70 25.12
CA LEU B 38 18.27 36.28 25.29
C LEU B 38 19.25 35.37 26.05
N THR B 39 18.72 34.60 27.00
CA THR B 39 19.51 33.76 27.94
C THR B 39 19.17 32.26 27.89
N LYS B 40 18.52 31.83 26.80
CA LYS B 40 18.19 30.44 26.55
C LYS B 40 19.44 29.57 26.70
N GLY B 41 19.33 28.50 27.49
CA GLY B 41 20.45 27.63 27.77
C GLY B 41 21.58 28.14 28.65
N LYS B 42 21.47 29.37 29.15
CA LYS B 42 22.54 29.98 29.96
C LYS B 42 22.44 29.63 31.46
N LEU B 43 21.33 29.01 31.88
CA LEU B 43 21.20 28.48 33.23
C LEU B 43 20.73 27.03 33.33
N ILE B 44 19.63 26.69 32.65
CA ILE B 44 19.19 25.31 32.60
C ILE B 44 19.98 24.61 31.51
N SER B 45 20.89 23.74 31.92
CA SER B 45 21.75 23.02 30.98
C SER B 45 21.05 21.77 30.42
N ASP B 46 20.36 21.03 31.28
CA ASP B 46 19.58 19.91 30.79
C ASP B 46 18.44 19.53 31.73
N VAL B 47 17.42 18.91 31.15
CA VAL B 47 16.30 18.35 31.90
C VAL B 47 15.98 16.97 31.29
N TYR B 48 15.80 15.96 32.16
CA TYR B 48 15.49 14.61 31.72
C TYR B 48 14.93 13.83 32.90
N THR B 49 14.73 12.52 32.76
CA THR B 49 14.13 11.72 33.84
C THR B 49 14.94 10.46 34.11
N ASP B 50 14.62 9.76 35.20
CA ASP B 50 15.40 8.59 35.61
C ASP B 50 15.15 7.34 34.73
N LYS B 51 13.95 7.24 34.13
CA LYS B 51 13.54 6.06 33.35
C LYS B 51 12.88 6.43 32.03
N ALA B 52 12.78 5.45 31.14
CA ALA B 52 12.20 5.60 29.79
C ALA B 52 10.66 5.61 29.77
N ARG B 53 10.06 4.80 30.62
CA ARG B 53 8.62 4.78 30.81
C ARG B 53 8.35 4.38 32.23
N TYR B 54 7.16 4.68 32.70
CA TYR B 54 6.79 4.48 34.09
C TYR B 54 5.46 3.76 34.21
N TYR B 55 5.35 2.92 35.24
CA TYR B 55 4.09 2.31 35.58
C TYR B 55 3.24 3.35 36.30
N PRO B 56 1.91 3.26 36.13
CA PRO B 56 1.03 4.14 36.88
C PRO B 56 1.35 4.17 38.38
N SER B 57 1.40 5.36 38.97
CA SER B 57 1.80 5.59 40.37
C SER B 57 3.28 5.34 40.75
N ASP B 58 4.16 4.99 39.80
CA ASP B 58 5.62 5.06 40.06
C ASP B 58 6.06 6.48 40.47
N LYS B 59 7.14 6.53 41.23
CA LYS B 59 7.81 7.78 41.50
C LYS B 59 8.61 8.15 40.26
N VAL B 60 8.38 9.35 39.75
CA VAL B 60 9.12 9.88 38.61
C VAL B 60 10.13 10.87 39.14
N THR B 61 11.39 10.68 38.78
CA THR B 61 12.45 11.66 39.13
C THR B 61 12.80 12.52 37.93
N VAL B 62 12.47 13.81 37.99
CA VAL B 62 12.88 14.78 36.99
C VAL B 62 14.22 15.36 37.44
N LYS B 63 15.22 15.28 36.58
CA LYS B 63 16.54 15.77 36.91
C LYS B 63 16.78 17.03 36.13
N ILE B 64 17.21 18.07 36.83
CA ILE B 64 17.44 19.36 36.23
C ILE B 64 18.89 19.70 36.49
N GLU B 65 19.67 19.85 35.43
CA GLU B 65 21.08 20.17 35.56
C GLU B 65 21.20 21.65 35.29
N LEU B 66 21.72 22.37 36.30
CA LEU B 66 21.98 23.79 36.14
C LEU B 66 23.45 24.06 35.91
N ASN B 67 23.72 25.05 35.08
CA ASN B 67 25.05 25.52 34.85
C ASN B 67 24.93 27.00 34.60
N ASN B 68 25.36 27.80 35.60
CA ASN B 68 25.14 29.23 35.54
C ASN B 68 26.22 29.89 34.67
N GLU B 69 25.83 30.18 33.42
CA GLU B 69 26.65 30.89 32.43
C GLU B 69 26.10 32.29 32.19
N LEU B 70 25.36 32.84 33.16
CA LEU B 70 24.79 34.17 33.05
C LEU B 70 25.79 35.28 33.34
N GLN B 71 26.95 34.94 33.91
CA GLN B 71 27.97 35.92 34.37
C GLN B 71 27.45 36.87 35.46
N GLU B 72 26.56 36.33 36.29
CA GLU B 72 26.12 36.94 37.53
C GLU B 72 25.53 35.81 38.37
N ASP B 73 25.50 36.02 39.69
CA ASP B 73 24.88 35.06 40.59
C ASP B 73 23.38 35.05 40.36
N PHE B 74 22.77 33.87 40.52
CA PHE B 74 21.34 33.71 40.34
C PHE B 74 20.76 33.38 41.70
N ARG B 75 19.77 34.17 42.13
CA ARG B 75 18.97 33.90 43.31
C ARG B 75 17.52 34.00 42.89
N GLY B 76 16.94 32.89 42.45
CA GLY B 76 15.59 32.91 41.94
C GLY B 76 14.86 31.64 42.19
N THR B 77 13.92 31.34 41.28
CA THR B 77 13.05 30.18 41.40
C THR B 77 13.07 29.34 40.11
N ILE B 78 13.01 28.03 40.29
CA ILE B 78 12.84 27.04 39.24
C ILE B 78 11.40 26.55 39.38
N TYR B 79 10.59 26.77 38.35
CA TYR B 79 9.18 26.29 38.32
C TYR B 79 9.10 25.10 37.39
N ILE B 80 8.39 24.07 37.81
CA ILE B 80 8.14 22.87 37.01
C ILE B 80 6.63 22.78 36.84
N PHE B 81 6.18 22.64 35.60
CA PHE B 81 4.76 22.40 35.26
C PHE B 81 4.63 21.06 34.57
N TYR B 82 3.69 20.24 35.03
CA TYR B 82 3.42 18.92 34.46
C TYR B 82 2.15 19.08 33.66
N LYS B 83 2.24 18.81 32.36
CA LYS B 83 1.17 19.06 31.41
C LYS B 83 0.73 17.76 30.74
N HIS B 84 -0.59 17.60 30.61
CA HIS B 84 -1.17 16.59 29.75
C HIS B 84 -1.93 17.34 28.66
N LEU B 85 -1.38 17.29 27.44
CA LEU B 85 -1.91 18.07 26.34
C LEU B 85 -2.05 19.54 26.80
N GLU B 86 -3.24 20.13 26.73
CA GLU B 86 -3.43 21.54 27.06
C GLU B 86 -3.42 21.85 28.56
N SER B 87 -3.64 20.85 29.41
CA SER B 87 -3.97 21.07 30.81
C SER B 87 -2.75 20.89 31.72
N ILE B 88 -2.75 21.66 32.80
CA ILE B 88 -1.78 21.53 33.87
C ILE B 88 -2.33 20.45 34.77
N VAL B 89 -1.60 19.36 34.92
CA VAL B 89 -1.98 18.30 35.86
C VAL B 89 -1.16 18.34 37.17
N GLY B 90 -0.15 19.20 37.23
CA GLY B 90 0.62 19.35 38.45
C GLY B 90 1.64 20.47 38.30
N LYS B 91 2.17 20.92 39.43
CA LYS B 91 3.25 21.90 39.46
C LYS B 91 4.10 21.76 40.74
N ALA B 92 5.29 22.32 40.67
CA ALA B 92 6.23 22.34 41.77
C ALA B 92 7.19 23.48 41.55
N LYS B 93 7.86 23.90 42.62
CA LYS B 93 8.84 24.96 42.55
C LYS B 93 9.90 24.79 43.62
N ILE B 94 11.10 25.28 43.35
CA ILE B 94 12.15 25.28 44.34
C ILE B 94 13.02 26.49 44.09
N GLN B 95 13.21 27.29 45.13
CA GLN B 95 14.11 28.42 45.04
C GLN B 95 15.54 27.90 45.02
N VAL B 96 16.37 28.57 44.22
CA VAL B 96 17.74 28.13 43.99
C VAL B 96 18.65 29.33 44.03
N ASN B 97 19.74 29.18 44.77
CA ASN B 97 20.88 30.09 44.73
C ASN B 97 22.02 29.36 44.05
N ILE B 98 22.54 29.93 42.97
CA ILE B 98 23.65 29.32 42.25
C ILE B 98 24.52 30.44 41.68
N LYS B 99 25.81 30.34 41.98
CA LYS B 99 26.77 31.40 41.67
C LYS B 99 27.22 31.28 40.23
N SER B 100 27.72 32.39 39.70
CA SER B 100 28.27 32.41 38.35
C SER B 100 29.33 31.33 38.19
N GLY B 101 29.21 30.52 37.15
CA GLY B 101 30.12 29.41 36.93
C GLY B 101 29.93 28.15 37.75
N GLN B 102 29.02 28.11 38.72
CA GLN B 102 28.71 26.86 39.46
C GLN B 102 27.79 25.95 38.66
N LYS B 103 27.91 24.64 38.91
CA LYS B 103 26.96 23.64 38.45
C LYS B 103 26.25 22.97 39.63
N LYS B 104 24.95 22.70 39.48
CA LYS B 104 24.17 21.92 40.45
C LYS B 104 23.13 21.06 39.73
N GLN B 105 22.83 19.89 40.28
CA GLN B 105 21.73 19.05 39.79
C GLN B 105 20.63 19.03 40.83
N LEU B 106 19.39 19.33 40.41
CA LEU B 106 18.20 19.16 41.25
C LEU B 106 17.51 17.86 40.87
N ASN B 107 16.97 17.17 41.86
CA ASN B 107 16.14 16.00 41.63
C ASN B 107 14.78 16.35 42.15
N ILE B 108 13.77 16.30 41.28
CA ILE B 108 12.41 16.67 41.66
C ILE B 108 11.54 15.42 41.52
N PHE B 109 10.75 15.12 42.54
CA PHE B 109 9.98 13.88 42.56
C PHE B 109 8.52 14.17 42.31
N TRP B 110 7.93 13.34 41.45
CA TRP B 110 6.54 13.44 41.08
C TRP B 110 5.99 12.06 41.15
N GLU B 111 4.70 11.95 41.43
CA GLU B 111 4.01 10.68 41.32
C GLU B 111 3.32 10.61 39.97
N ALA B 112 3.60 9.56 39.20
CA ALA B 112 2.90 9.33 37.93
C ALA B 112 1.39 9.15 38.17
N PRO B 113 0.52 9.91 37.45
CA PRO B 113 -0.91 9.70 37.66
C PRO B 113 -1.35 8.29 37.34
N LYS B 114 -2.55 7.96 37.80
CA LYS B 114 -3.02 6.58 37.80
C LYS B 114 -3.44 6.03 36.41
N ASP B 115 -3.75 6.88 35.44
CA ASP B 115 -4.20 6.39 34.14
C ASP B 115 -3.05 5.85 33.26
N ASP B 116 -3.23 4.65 32.76
CA ASP B 116 -2.19 3.98 31.99
C ASP B 116 -2.16 4.52 30.55
N PHE B 117 -0.99 4.44 29.93
CA PHE B 117 -0.78 4.82 28.52
C PHE B 117 -1.09 6.30 28.30
N LYS B 118 -0.39 7.14 29.06
CA LYS B 118 -0.50 8.58 28.98
C LYS B 118 0.86 9.23 28.89
N GLY B 119 0.95 10.25 28.03
CA GLY B 119 2.16 11.04 27.84
C GLY B 119 1.97 12.43 28.41
N TYR B 120 3.06 12.99 28.90
CA TYR B 120 3.07 14.28 29.58
C TYR B 120 4.27 15.09 29.12
N LEU B 121 4.09 16.41 29.03
CA LEU B 121 5.19 17.34 28.87
C LEU B 121 5.51 17.93 30.22
N VAL B 122 6.80 18.09 30.46
CA VAL B 122 7.31 18.66 31.70
C VAL B 122 8.03 19.91 31.32
N GLU B 123 7.53 21.06 31.80
CA GLU B 123 8.12 22.35 31.49
C GLU B 123 8.88 22.90 32.67
N VAL B 124 10.16 23.22 32.48
CA VAL B 124 10.99 23.81 33.52
C VAL B 124 11.37 25.26 33.18
N TYR B 125 11.10 26.17 34.11
CA TYR B 125 11.44 27.59 33.95
C TYR B 125 12.34 28.09 35.06
N ALA B 126 13.32 28.91 34.70
CA ALA B 126 14.08 29.70 35.66
C ALA B 126 13.53 31.14 35.70
N VAL B 127 13.08 31.58 36.88
CA VAL B 127 12.50 32.89 37.08
C VAL B 127 13.36 33.73 38.06
N LYS B 128 13.79 34.90 37.61
CA LYS B 128 14.53 35.86 38.43
C LYS B 128 13.64 37.08 38.49
N GLY B 129 13.24 37.46 39.70
CA GLY B 129 12.26 38.52 39.91
C GLY B 129 10.90 38.03 39.45
N ASN B 130 10.31 38.78 38.52
CA ASN B 130 9.07 38.38 37.85
C ASN B 130 9.32 37.93 36.39
N LYS B 131 10.59 37.82 36.00
CA LYS B 131 11.01 37.51 34.63
C LYS B 131 11.46 36.05 34.46
N ALA B 132 10.89 35.37 33.47
CA ALA B 132 11.37 34.05 33.06
C ALA B 132 12.59 34.25 32.17
N ILE B 133 13.74 33.71 32.57
CA ILE B 133 14.99 33.87 31.84
C ILE B 133 15.54 32.61 31.18
N ASP B 134 14.99 31.44 31.48
CA ASP B 134 15.39 30.22 30.80
C ASP B 134 14.27 29.20 30.87
N ASN B 135 14.26 28.28 29.90
CA ASN B 135 13.27 27.25 29.78
C ASN B 135 13.88 26.05 29.11
N LYS B 136 13.59 24.87 29.65
CA LYS B 136 13.86 23.62 28.97
C LYS B 136 12.80 22.60 29.39
N ASN B 137 12.44 21.73 28.46
CA ASN B 137 11.40 20.78 28.71
C ASN B 137 11.95 19.36 28.63
N THR B 138 11.15 18.44 29.18
CA THR B 138 11.32 17.03 28.91
C THR B 138 9.90 16.44 28.81
N ALA B 139 9.80 15.12 28.81
CA ALA B 139 8.52 14.43 28.74
C ALA B 139 8.56 13.19 29.63
N VAL B 140 7.37 12.66 29.92
CA VAL B 140 7.19 11.48 30.75
C VAL B 140 6.10 10.65 30.08
N ASP B 141 6.38 9.35 29.90
CA ASP B 141 5.45 8.35 29.37
C ASP B 141 5.03 7.42 30.53
N VAL B 142 3.74 7.42 30.89
CA VAL B 142 3.20 6.42 31.80
C VAL B 142 2.60 5.30 30.96
N SER B 143 3.35 4.22 30.80
CA SER B 143 2.93 3.04 30.06
C SER B 143 3.41 1.80 30.80
N SER B 144 2.48 0.88 31.08
CA SER B 144 2.82 -0.39 31.72
C SER B 144 3.49 -1.38 30.76
N ASP B 145 3.54 -1.06 29.46
CA ASP B 145 4.11 -1.91 28.39
C ASP B 145 4.56 -1.01 27.23
N TRP B 146 5.72 -1.32 26.66
CA TRP B 146 6.25 -0.58 25.49
C TRP B 146 5.48 -0.71 24.18
N SER B 147 4.61 -1.71 24.06
CA SER B 147 4.11 -2.09 22.75
C SER B 147 3.08 -1.13 22.16
N LYS B 148 2.37 -0.38 23.01
CA LYS B 148 1.44 0.63 22.51
C LYS B 148 2.18 1.82 21.87
N PHE B 149 3.22 2.32 22.54
CA PHE B 149 3.94 3.51 22.13
C PHE B 149 5.43 3.19 21.99
N PRO B 150 5.78 2.31 21.04
CA PRO B 150 7.19 1.95 20.95
C PRO B 150 8.04 3.13 20.52
N ARG B 151 9.20 3.25 21.17
CA ARG B 151 10.22 4.26 20.84
C ARG B 151 11.55 3.51 20.81
N TYR B 152 11.85 2.99 19.64
CA TYR B 152 12.84 1.94 19.45
C TYR B 152 14.15 2.61 19.04
N GLY B 153 15.25 2.18 19.64
CA GLY B 153 16.60 2.57 19.26
C GLY B 153 17.47 1.33 19.17
N TYR B 154 18.79 1.53 19.14
CA TYR B 154 19.71 0.42 18.89
C TYR B 154 21.01 0.57 19.68
N ILE B 155 21.68 -0.56 19.85
CA ILE B 155 23.08 -0.61 20.26
C ILE B 155 23.77 -1.55 19.27
N ALA B 156 24.86 -1.06 18.68
CA ALA B 156 25.56 -1.73 17.59
C ALA B 156 26.97 -2.19 17.95
N ASN B 157 27.57 -1.67 19.01
CA ASN B 157 28.96 -1.99 19.38
C ASN B 157 28.99 -2.56 20.78
N PHE B 158 29.79 -3.60 20.96
CA PHE B 158 29.90 -4.26 22.25
C PHE B 158 31.36 -4.53 22.61
N PRO B 159 32.20 -3.47 22.63
CA PRO B 159 33.61 -3.67 22.99
C PRO B 159 33.77 -3.85 24.48
N GLU B 160 34.99 -4.17 24.89
CA GLU B 160 35.33 -4.30 26.31
C GLU B 160 35.23 -2.92 26.88
N GLN B 161 34.47 -2.76 27.94
CA GLN B 161 34.30 -1.45 28.55
C GLN B 161 33.69 -1.57 29.94
N SER B 162 33.99 -0.58 30.78
CA SER B 162 33.52 -0.57 32.16
C SER B 162 32.00 -0.40 32.18
N LYS B 163 31.38 -0.90 33.24
CA LYS B 163 29.95 -0.72 33.45
C LYS B 163 29.58 0.76 33.56
N GLU B 164 30.48 1.55 34.14
CA GLU B 164 30.28 2.98 34.30
C GLU B 164 30.19 3.65 32.92
N LYS B 165 31.01 3.21 31.98
CA LYS B 165 30.93 3.73 30.63
C LYS B 165 29.63 3.31 29.93
N SER B 166 29.25 2.05 30.11
CA SER B 166 27.99 1.55 29.59
C SER B 166 26.79 2.34 30.17
N ALA B 167 26.85 2.64 31.46
CA ALA B 167 25.82 3.44 32.13
C ALA B 167 25.70 4.85 31.53
N LEU B 168 26.82 5.47 31.17
CA LEU B 168 26.77 6.80 30.56
C LEU B 168 26.10 6.75 29.20
N ILE B 169 26.36 5.70 28.43
CA ILE B 169 25.75 5.55 27.12
C ILE B 169 24.23 5.34 27.24
N ILE B 170 23.81 4.53 28.21
CA ILE B 170 22.39 4.31 28.48
C ILE B 170 21.70 5.59 28.94
N GLU B 171 22.38 6.38 29.78
CA GLU B 171 21.90 7.71 30.18
C GLU B 171 21.68 8.63 28.99
N ASP B 172 22.63 8.66 28.05
CA ASP B 172 22.50 9.50 26.84
C ASP B 172 21.24 9.11 26.04
N LEU B 173 21.05 7.81 25.84
CA LEU B 173 19.90 7.31 25.08
C LEU B 173 18.59 7.51 25.82
N ASN B 174 18.61 7.40 27.15
CA ASN B 174 17.43 7.68 27.95
C ASN B 174 16.91 9.11 27.87
N LYS B 175 17.76 10.09 27.52
CA LYS B 175 17.32 11.48 27.27
C LYS B 175 16.22 11.54 26.22
N TYR B 176 16.28 10.61 25.27
CA TYR B 176 15.28 10.51 24.21
C TYR B 176 14.08 9.63 24.56
N HIS B 177 14.04 9.07 25.78
CA HIS B 177 12.91 8.25 26.25
C HIS B 177 12.71 6.95 25.46
N LEU B 178 13.79 6.46 24.87
CA LEU B 178 13.75 5.20 24.14
C LEU B 178 13.37 4.05 25.10
N ASN B 179 12.34 3.30 24.74
CA ASN B 179 11.81 2.28 25.62
C ASN B 179 12.12 0.89 25.14
N GLY B 180 12.85 0.79 24.03
CA GLY B 180 13.41 -0.45 23.55
C GLY B 180 14.69 -0.21 22.79
N LEU B 181 15.59 -1.17 22.85
CA LEU B 181 16.86 -1.09 22.12
C LEU B 181 17.15 -2.43 21.42
N LEU B 182 17.36 -2.35 20.12
CA LEU B 182 17.79 -3.48 19.33
C LEU B 182 19.32 -3.65 19.37
N PHE B 183 19.78 -4.78 19.93
CA PHE B 183 21.19 -5.14 19.90
C PHE B 183 21.45 -5.78 18.54
N TYR B 184 22.16 -5.04 17.68
CA TYR B 184 22.42 -5.46 16.31
C TYR B 184 23.82 -6.07 16.20
N ASP B 185 23.91 -7.30 15.66
CA ASP B 185 25.17 -8.06 15.52
C ASP B 185 25.97 -8.19 16.83
N TRP B 186 25.24 -8.61 17.86
CA TRP B 186 25.82 -8.96 19.15
C TRP B 186 26.21 -10.44 19.16
N GLN B 187 25.49 -11.27 18.38
CA GLN B 187 25.47 -12.72 18.53
C GLN B 187 26.70 -13.39 17.92
N TYR B 188 26.86 -14.68 18.23
CA TYR B 188 28.02 -15.45 17.75
C TYR B 188 27.83 -15.91 16.31
N LYS B 189 26.82 -16.74 16.08
CA LYS B 189 26.47 -17.20 14.74
C LYS B 189 24.96 -17.10 14.57
N HIS B 190 24.48 -16.85 13.36
CA HIS B 190 23.03 -16.78 13.09
C HIS B 190 22.31 -18.13 13.32
N ASN B 191 23.02 -19.24 13.16
CA ASN B 191 22.50 -20.58 13.48
C ASN B 191 22.93 -21.09 14.88
N LYS B 192 23.83 -20.36 15.53
CA LYS B 192 24.26 -20.63 16.92
C LYS B 192 24.60 -19.30 17.63
N PRO B 193 23.57 -18.58 18.12
CA PRO B 193 23.76 -17.26 18.75
C PRO B 193 24.68 -17.23 19.95
N LEU B 194 24.65 -18.28 20.76
CA LEU B 194 25.47 -18.38 21.97
C LEU B 194 26.86 -18.92 21.65
N ALA B 195 27.90 -18.17 22.02
CA ALA B 195 29.27 -18.68 21.98
C ALA B 195 29.51 -19.40 23.30
N GLY B 196 29.97 -20.65 23.22
CA GLY B 196 30.17 -21.48 24.41
C GLY B 196 28.94 -22.29 24.72
N THR B 197 28.70 -22.59 26.00
CA THR B 197 27.49 -23.29 26.44
C THR B 197 26.75 -22.46 27.46
N VAL B 198 25.55 -22.89 27.82
CA VAL B 198 24.77 -22.19 28.86
C VAL B 198 25.51 -22.18 30.19
N GLU B 199 26.15 -23.29 30.50
CA GLU B 199 26.84 -23.47 31.77
C GLU B 199 28.18 -22.75 31.75
N ASN B 200 28.84 -22.71 30.58
CA ASN B 200 30.09 -21.98 30.42
C ASN B 200 30.08 -21.07 29.19
N PRO B 201 29.42 -19.91 29.28
CA PRO B 201 29.41 -19.03 28.13
C PRO B 201 30.80 -18.45 27.88
N ASP B 202 31.19 -18.34 26.62
CA ASP B 202 32.45 -17.70 26.27
C ASP B 202 32.38 -16.24 26.66
N PRO B 203 33.42 -15.71 27.34
CA PRO B 203 33.40 -14.29 27.70
C PRO B 203 33.50 -13.34 26.49
N LYS B 204 33.95 -13.84 25.35
CA LYS B 204 33.97 -13.03 24.14
C LYS B 204 34.01 -13.90 22.89
N TRP B 205 33.71 -13.28 21.74
CA TRP B 205 33.65 -13.96 20.46
C TRP B 205 33.73 -12.95 19.32
N LYS B 206 33.70 -13.48 18.11
CA LYS B 206 33.64 -12.72 16.88
C LYS B 206 32.20 -12.71 16.37
N ASP B 207 31.70 -11.55 15.95
CA ASP B 207 30.37 -11.46 15.34
C ASP B 207 30.52 -11.79 13.86
N ILE B 208 29.44 -11.61 13.09
CA ILE B 208 29.50 -11.93 11.68
C ILE B 208 30.54 -11.14 10.88
N ALA B 209 30.82 -9.90 11.28
CA ALA B 209 31.85 -9.10 10.59
C ALA B 209 33.26 -9.22 11.20
N ASN B 210 33.48 -10.24 12.04
CA ASN B 210 34.74 -10.41 12.80
C ASN B 210 35.13 -9.25 13.72
N ARG B 211 34.12 -8.55 14.24
CA ARG B 211 34.35 -7.62 15.33
C ARG B 211 34.38 -8.44 16.61
N ASP B 212 35.10 -7.95 17.61
CA ASP B 212 35.12 -8.57 18.94
C ASP B 212 33.88 -8.16 19.73
N ILE B 213 33.08 -9.13 20.17
CA ILE B 213 31.95 -8.89 21.08
C ILE B 213 32.31 -9.37 22.49
N TYR B 214 32.12 -8.50 23.49
CA TYR B 214 32.36 -8.87 24.89
C TYR B 214 31.06 -9.14 25.61
N GLY B 215 30.95 -10.37 26.12
CA GLY B 215 29.75 -10.83 26.80
C GLY B 215 29.34 -9.97 27.97
N GLN B 216 30.32 -9.52 28.75
CA GLN B 216 30.04 -8.68 29.90
C GLN B 216 29.42 -7.32 29.50
N THR B 217 29.84 -6.74 28.38
CA THR B 217 29.24 -5.51 27.88
C THR B 217 27.76 -5.71 27.46
N VAL B 218 27.48 -6.83 26.79
CA VAL B 218 26.10 -7.21 26.47
C VAL B 218 25.29 -7.29 27.77
N LYS B 219 25.82 -7.99 28.78
CA LYS B 219 25.11 -8.15 30.05
C LYS B 219 24.90 -6.82 30.80
N ASP B 220 25.94 -5.98 30.86
CA ASP B 220 25.86 -4.69 31.53
C ASP B 220 24.79 -3.80 30.91
N TYR B 221 24.80 -3.70 29.58
CA TYR B 221 23.76 -2.97 28.86
C TYR B 221 22.34 -3.49 29.17
N ILE B 222 22.17 -4.81 29.16
CA ILE B 222 20.85 -5.41 29.45
C ILE B 222 20.37 -4.95 30.83
N GLU B 223 21.27 -5.04 31.81
CA GLU B 223 20.96 -4.70 33.20
C GLU B 223 20.66 -3.21 33.38
N LEU B 224 21.51 -2.37 32.79
CA LEU B 224 21.33 -0.92 32.79
C LEU B 224 20.03 -0.54 32.07
N ALA B 225 19.74 -1.18 30.94
CA ALA B 225 18.51 -0.91 30.21
C ALA B 225 17.29 -1.23 31.06
N HIS B 226 17.28 -2.40 31.70
CA HIS B 226 16.17 -2.82 32.58
C HIS B 226 15.94 -1.88 33.75
N SER B 227 17.01 -1.36 34.34
CA SER B 227 16.86 -0.37 35.42
C SER B 227 16.03 0.86 35.02
N LYS B 228 16.05 1.21 33.74
CA LYS B 228 15.25 2.32 33.22
C LYS B 228 13.94 1.88 32.54
N ASN B 229 13.51 0.64 32.78
CA ASN B 229 12.33 0.07 32.10
C ASN B 229 12.39 0.03 30.57
N ILE B 230 13.58 -0.22 30.05
CA ILE B 230 13.83 -0.32 28.63
C ILE B 230 13.84 -1.80 28.26
N MET B 231 13.09 -2.16 27.23
CA MET B 231 13.10 -3.51 26.66
C MET B 231 14.37 -3.70 25.82
N VAL B 232 14.94 -4.88 25.88
CA VAL B 232 16.14 -5.19 25.10
C VAL B 232 15.86 -6.31 24.12
N ALA B 233 16.18 -6.06 22.85
CA ALA B 233 15.84 -6.96 21.76
C ALA B 233 17.10 -7.56 21.15
N ASN B 234 17.01 -8.86 20.90
CA ASN B 234 18.08 -9.68 20.38
C ASN B 234 17.84 -9.85 18.90
N TYR B 235 18.77 -9.32 18.08
CA TYR B 235 18.71 -9.45 16.63
C TYR B 235 19.24 -10.79 16.15
N ASN B 236 18.44 -11.46 15.32
CA ASN B 236 18.91 -12.56 14.47
C ASN B 236 17.87 -12.81 13.39
N LEU B 237 18.33 -13.27 12.23
CA LEU B 237 17.43 -13.67 11.15
C LEU B 237 16.54 -14.83 11.55
N MET B 238 15.44 -14.92 10.82
CA MET B 238 14.48 -16.02 10.88
C MET B 238 15.09 -17.36 10.44
N TYR B 239 16.03 -17.30 9.51
CA TYR B 239 16.30 -18.43 8.62
C TYR B 239 17.72 -18.47 8.05
N GLY B 240 18.71 -18.04 8.81
CA GLY B 240 20.09 -17.86 8.32
C GLY B 240 21.09 -18.80 8.97
N GLY B 241 22.08 -19.25 8.21
CA GLY B 241 23.13 -20.10 8.75
C GLY B 241 24.45 -19.87 8.07
N TYR B 242 25.53 -20.01 8.84
CA TYR B 242 26.90 -19.86 8.32
C TYR B 242 27.25 -20.93 7.29
N PHE B 243 28.30 -20.64 6.50
CA PHE B 243 28.83 -21.55 5.47
C PHE B 243 29.08 -23.00 5.98
N ASP B 244 29.47 -23.13 7.25
CA ASP B 244 29.74 -24.42 7.89
C ASP B 244 28.57 -24.95 8.74
N TYR B 245 27.32 -24.72 8.32
CA TYR B 245 26.17 -25.06 9.17
C TYR B 245 25.99 -26.57 9.44
N VAL B 246 26.46 -27.41 8.53
CA VAL B 246 26.42 -28.88 8.75
C VAL B 246 27.23 -29.27 10.00
N LYS B 247 28.39 -28.65 10.21
CA LYS B 247 29.19 -28.88 11.43
C LYS B 247 28.40 -28.57 12.70
N ASP B 248 27.58 -27.53 12.64
CA ASP B 248 26.71 -27.14 13.75
C ASP B 248 25.39 -27.92 13.83
N GLY B 249 25.17 -28.89 12.93
CA GLY B 249 24.05 -29.83 13.05
C GLY B 249 22.80 -29.48 12.27
N ALA B 250 22.88 -28.50 11.38
CA ALA B 250 21.77 -28.13 10.50
C ALA B 250 21.90 -28.90 9.19
N LYS B 251 20.77 -29.15 8.53
CA LYS B 251 20.73 -30.01 7.35
C LYS B 251 20.31 -29.26 6.10
N PRO B 252 20.96 -29.52 4.94
CA PRO B 252 20.54 -28.84 3.70
C PRO B 252 19.13 -29.20 3.23
N GLU B 253 18.59 -30.30 3.77
CA GLU B 253 17.20 -30.69 3.55
C GLU B 253 16.21 -29.65 4.11
N TRP B 254 16.63 -28.88 5.12
CA TRP B 254 15.79 -27.81 5.69
C TRP B 254 15.86 -26.50 4.91
N GLY B 255 16.70 -26.46 3.86
CA GLY B 255 17.11 -25.22 3.22
C GLY B 255 16.13 -24.69 2.21
N LEU B 256 16.47 -23.51 1.69
CA LEU B 256 15.64 -22.78 0.75
C LEU B 256 16.50 -22.64 -0.47
N TYR B 257 15.94 -22.95 -1.64
CA TYR B 257 16.71 -23.13 -2.87
C TYR B 257 16.22 -22.26 -4.03
N LYS B 258 17.17 -21.81 -4.86
CA LYS B 258 16.88 -20.96 -6.02
C LYS B 258 16.36 -21.71 -7.25
N ASP B 259 16.35 -23.04 -7.18
CA ASP B 259 15.89 -23.91 -8.25
C ASP B 259 15.13 -25.10 -7.64
N PRO B 260 14.34 -25.83 -8.45
CA PRO B 260 13.58 -26.96 -7.89
C PRO B 260 14.35 -28.29 -7.77
N ASN B 261 15.67 -28.28 -7.96
CA ASN B 261 16.47 -29.50 -7.95
C ASN B 261 17.46 -29.51 -6.80
N HIS B 262 17.29 -28.60 -5.85
CA HIS B 262 18.26 -28.33 -4.77
C HIS B 262 19.72 -28.22 -5.23
N GLU B 263 19.95 -27.54 -6.36
CA GLU B 263 21.31 -27.27 -6.85
C GLU B 263 21.97 -26.11 -6.08
N GLU B 264 21.31 -24.96 -6.03
CA GLU B 264 21.87 -23.74 -5.43
C GLU B 264 21.00 -23.20 -4.28
N GLN B 265 21.47 -23.41 -3.06
CA GLN B 265 20.80 -22.92 -1.86
C GLN B 265 20.80 -21.39 -1.85
N ASP B 266 19.66 -20.81 -1.51
CA ASP B 266 19.55 -19.37 -1.45
C ASP B 266 20.47 -18.82 -0.34
N ASN B 267 21.05 -17.66 -0.57
CA ASN B 267 22.02 -17.12 0.35
C ASN B 267 22.15 -15.61 0.27
N HIS B 268 22.55 -15.00 1.38
CA HIS B 268 22.85 -13.57 1.44
C HIS B 268 24.37 -13.42 1.34
N PRO B 269 24.89 -12.86 0.22
CA PRO B 269 26.34 -12.71 0.08
C PRO B 269 26.92 -11.65 1.00
N LEU B 270 28.12 -11.90 1.51
CA LEU B 270 28.80 -10.99 2.44
C LEU B 270 30.25 -10.76 1.98
N PRO B 271 30.91 -9.69 2.48
CA PRO B 271 32.32 -9.49 2.10
C PRO B 271 33.24 -10.66 2.52
N HIS B 272 34.31 -10.85 1.74
CA HIS B 272 35.20 -12.03 1.90
C HIS B 272 35.97 -12.04 3.21
N THR B 273 36.21 -10.86 3.76
CA THR B 273 36.86 -10.66 5.07
C THR B 273 36.02 -11.04 6.31
N TRP B 274 34.74 -11.37 6.12
CA TRP B 274 33.82 -11.57 7.26
C TRP B 274 33.87 -13.00 7.76
N ALA B 275 33.20 -13.28 8.87
CA ALA B 275 33.22 -14.62 9.50
C ALA B 275 32.68 -15.71 8.58
N THR B 276 31.76 -15.32 7.70
CA THR B 276 31.23 -16.23 6.70
C THR B 276 31.13 -15.45 5.39
N ASP B 277 31.44 -16.13 4.30
CA ASP B 277 31.35 -15.60 2.93
C ASP B 277 29.90 -15.26 2.57
N ARG B 278 28.98 -16.05 3.13
CA ARG B 278 27.56 -15.84 2.94
C ARG B 278 26.71 -16.47 4.05
N LEU B 279 25.46 -16.03 4.13
CA LEU B 279 24.48 -16.65 5.01
C LEU B 279 23.51 -17.45 4.17
N TYR B 280 23.51 -18.77 4.38
CA TYR B 280 22.61 -19.66 3.68
C TYR B 280 21.24 -19.58 4.32
N LEU B 281 20.20 -19.63 3.48
CA LEU B 281 18.83 -19.46 3.97
C LEU B 281 18.11 -20.78 4.13
N PHE B 282 17.24 -20.83 5.12
CA PHE B 282 16.42 -21.97 5.39
C PHE B 282 14.95 -21.65 5.26
N ASN B 283 14.14 -22.69 5.17
CA ASN B 283 12.71 -22.54 5.00
C ASN B 283 12.09 -22.37 6.38
N PRO B 284 11.50 -21.18 6.65
CA PRO B 284 10.88 -20.98 7.95
C PRO B 284 9.73 -21.94 8.27
N ALA B 285 9.06 -22.47 7.24
CA ALA B 285 7.99 -23.46 7.44
C ALA B 285 8.49 -24.88 7.74
N ASN B 286 9.79 -25.14 7.56
CA ASN B 286 10.38 -26.42 7.94
C ASN B 286 10.41 -26.57 9.46
N LYS B 287 9.71 -27.56 9.99
CA LYS B 287 9.59 -27.75 11.43
C LYS B 287 10.89 -28.23 12.08
N ASP B 288 11.78 -28.85 11.32
CA ASP B 288 13.08 -29.26 11.85
C ASP B 288 13.97 -28.03 11.99
N TRP B 289 13.89 -27.09 11.04
CA TRP B 289 14.60 -25.79 11.17
C TRP B 289 14.10 -24.99 12.35
N GLN B 290 12.78 -24.84 12.46
CA GLN B 290 12.17 -24.19 13.63
C GLN B 290 12.68 -24.76 14.93
N ASN B 291 12.62 -26.07 15.05
CA ASN B 291 13.05 -26.74 16.28
C ASN B 291 14.51 -26.45 16.62
N TYR B 292 15.36 -26.50 15.60
CA TYR B 292 16.77 -26.23 15.73
C TYR B 292 17.03 -24.76 16.13
N ILE B 293 16.45 -23.83 15.39
CA ILE B 293 16.73 -22.40 15.67
C ILE B 293 16.09 -21.93 17.00
N PHE B 294 14.90 -22.45 17.31
CA PHE B 294 14.29 -22.18 18.61
C PHE B 294 15.17 -22.69 19.77
N ASN B 295 15.78 -23.86 19.63
CA ASN B 295 16.67 -24.36 20.70
C ASN B 295 17.94 -23.54 20.85
N ALA B 296 18.55 -23.21 19.71
CA ALA B 296 19.70 -22.30 19.67
C ALA B 296 19.41 -20.95 20.33
N GLU B 297 18.23 -20.37 20.03
CA GLU B 297 17.81 -19.11 20.66
C GLU B 297 17.50 -19.29 22.14
N LYS B 298 16.84 -20.39 22.49
CA LYS B 298 16.58 -20.70 23.90
C LYS B 298 17.88 -20.67 24.75
N ASP B 299 18.97 -21.23 24.26
CA ASP B 299 20.27 -21.12 24.96
C ASP B 299 20.78 -19.68 25.17
N ALA B 300 20.69 -18.86 24.12
CA ALA B 300 21.13 -17.46 24.19
C ALA B 300 20.32 -16.65 25.21
N PHE B 301 18.99 -16.79 25.17
CA PHE B 301 18.10 -16.20 26.17
C PHE B 301 18.30 -16.73 27.59
N ARG B 302 18.76 -17.97 27.76
CA ARG B 302 19.11 -18.47 29.10
C ARG B 302 20.33 -17.74 29.67
N VAL B 303 21.27 -17.32 28.81
CA VAL B 303 22.49 -16.62 29.28
C VAL B 303 22.29 -15.10 29.31
N TYR B 304 21.74 -14.53 28.25
CA TYR B 304 21.60 -13.08 28.13
C TYR B 304 20.14 -12.72 28.31
N ASN B 305 19.85 -11.81 29.23
CA ASN B 305 18.49 -11.61 29.73
C ASN B 305 17.63 -10.70 28.80
N PHE B 306 17.66 -11.00 27.51
CA PHE B 306 16.87 -10.33 26.52
C PHE B 306 15.40 -10.54 26.76
N ASP B 307 14.60 -9.54 26.36
CA ASP B 307 13.13 -9.59 26.46
C ASP B 307 12.48 -10.00 25.17
N VAL B 308 13.13 -9.70 24.06
CA VAL B 308 12.51 -9.76 22.74
C VAL B 308 13.46 -10.47 21.79
N TRP B 309 12.90 -11.29 20.90
CA TRP B 309 13.60 -11.74 19.71
C TRP B 309 13.09 -10.88 18.58
N HIS B 310 13.98 -10.01 18.09
CA HIS B 310 13.76 -9.24 16.89
C HIS B 310 14.18 -10.10 15.70
N VAL B 311 13.17 -10.66 15.03
CA VAL B 311 13.36 -11.64 13.97
C VAL B 311 13.59 -10.95 12.65
N GLY B 312 14.79 -11.13 12.12
CA GLY B 312 15.19 -10.51 10.88
C GLY B 312 14.68 -11.26 9.64
N THR B 313 14.47 -10.51 8.57
CA THR B 313 14.19 -11.06 7.26
C THR B 313 14.91 -10.20 6.25
N LEU B 314 15.07 -10.72 5.04
CA LEU B 314 15.79 -10.04 3.99
C LEU B 314 14.88 -9.46 2.93
N GLY B 315 13.58 -9.70 3.02
CA GLY B 315 12.64 -9.28 1.97
C GLY B 315 12.44 -10.33 0.88
N PRO B 316 11.90 -9.91 -0.29
CA PRO B 316 11.61 -10.88 -1.36
C PRO B 316 12.87 -11.54 -1.93
N ARG B 317 12.80 -12.84 -2.13
CA ARG B 317 13.93 -13.63 -2.65
C ARG B 317 13.71 -14.11 -4.10
N GLY B 318 12.65 -13.61 -4.75
CA GLY B 318 12.24 -14.13 -6.05
C GLY B 318 11.57 -15.49 -5.87
N MET B 319 11.69 -16.35 -6.88
CA MET B 319 11.09 -17.69 -6.80
C MET B 319 12.07 -18.63 -6.07
N VAL B 320 11.60 -19.23 -4.99
CA VAL B 320 12.42 -20.10 -4.16
C VAL B 320 11.64 -21.35 -3.88
N TYR B 321 12.35 -22.43 -3.58
CA TYR B 321 11.73 -23.75 -3.40
C TYR B 321 12.33 -24.41 -2.18
N ASP B 322 11.61 -25.36 -1.61
CA ASP B 322 12.15 -26.26 -0.61
C ASP B 322 13.07 -27.34 -1.26
N TYR B 323 13.64 -28.22 -0.43
CA TYR B 323 14.61 -29.22 -0.89
C TYR B 323 14.04 -30.18 -1.94
N ASN B 324 12.78 -30.57 -1.75
CA ASN B 324 12.08 -31.48 -2.65
C ASN B 324 11.54 -30.81 -3.93
N GLY B 325 11.83 -29.52 -4.12
CA GLY B 325 11.41 -28.80 -5.33
C GLY B 325 10.07 -28.09 -5.26
N ASN B 326 9.37 -28.16 -4.12
CA ASN B 326 8.10 -27.43 -3.95
C ASN B 326 8.32 -25.93 -3.80
N PRO B 327 7.57 -25.09 -4.56
CA PRO B 327 7.74 -23.65 -4.44
C PRO B 327 7.28 -23.13 -3.08
N VAL B 328 8.08 -22.23 -2.51
CA VAL B 328 7.76 -21.58 -1.24
C VAL B 328 7.57 -20.08 -1.50
N GLU B 329 6.45 -19.55 -1.04
CA GLU B 329 6.21 -18.11 -1.03
C GLU B 329 6.42 -17.63 0.43
N LEU B 330 7.62 -17.08 0.65
CA LEU B 330 8.13 -16.75 1.98
C LEU B 330 7.21 -15.93 2.88
N SER B 331 6.62 -14.85 2.35
CA SER B 331 5.75 -13.97 3.17
C SER B 331 4.66 -14.75 3.92
N PHE B 332 4.14 -15.80 3.31
CA PHE B 332 3.11 -16.65 3.94
C PHE B 332 3.64 -17.66 4.96
N THR B 333 4.97 -17.78 5.13
CA THR B 333 5.52 -18.60 6.21
C THR B 333 5.79 -17.85 7.51
N TYR B 334 5.79 -16.51 7.46
CA TYR B 334 6.25 -15.71 8.61
C TYR B 334 5.38 -15.86 9.87
N ALA B 335 4.07 -15.73 9.73
CA ALA B 335 3.18 -15.63 10.88
C ALA B 335 3.30 -16.86 11.77
N ASP B 336 3.26 -18.03 11.15
CA ASP B 336 3.32 -19.27 11.90
C ASP B 336 4.69 -19.50 12.53
N PHE B 337 5.76 -19.14 11.82
CA PHE B 337 7.13 -19.18 12.41
C PHE B 337 7.20 -18.33 13.66
N LEU B 338 6.69 -17.11 13.56
CA LEU B 338 6.77 -16.15 14.67
C LEU B 338 5.95 -16.60 15.87
N ASN B 339 4.74 -17.05 15.63
CA ASN B 339 3.89 -17.58 16.72
C ASN B 339 4.47 -18.82 17.38
N ASN B 340 5.11 -19.67 16.59
CA ASN B 340 5.79 -20.83 17.15
C ASN B 340 7.00 -20.41 17.95
N ALA B 341 7.74 -19.43 17.45
CA ALA B 341 8.89 -18.87 18.21
C ALA B 341 8.48 -18.33 19.58
N LYS B 342 7.40 -17.55 19.60
CA LYS B 342 6.86 -16.99 20.84
C LYS B 342 6.50 -18.07 21.85
N ASN B 343 5.80 -19.10 21.39
CA ASN B 343 5.38 -20.18 22.29
C ASN B 343 6.58 -21.03 22.76
N ALA B 344 7.55 -21.30 21.88
CA ALA B 344 8.76 -22.06 22.26
C ALA B 344 9.64 -21.31 23.24
N LEU B 345 9.74 -19.99 23.09
CA LEU B 345 10.69 -19.20 23.89
C LEU B 345 10.11 -18.58 25.15
N GLY B 346 8.81 -18.25 25.16
CA GLY B 346 8.22 -17.45 26.26
C GLY B 346 8.71 -15.99 26.28
N LYS B 347 8.98 -15.43 25.10
CA LYS B 347 9.51 -14.09 24.94
C LYS B 347 8.68 -13.29 23.95
N ARG B 348 8.89 -11.99 23.94
CA ARG B 348 8.22 -11.11 23.00
C ARG B 348 8.88 -11.25 21.65
N ILE B 349 8.11 -11.01 20.60
CA ILE B 349 8.59 -11.15 19.23
C ILE B 349 8.28 -9.88 18.44
N VAL B 350 9.23 -9.47 17.61
CA VAL B 350 9.04 -8.44 16.62
C VAL B 350 9.69 -8.95 15.33
N CYS B 351 9.10 -8.63 14.19
CA CYS B 351 9.59 -9.11 12.92
C CYS B 351 9.67 -7.98 11.90
N ASN B 352 10.81 -7.81 11.28
CA ASN B 352 10.92 -6.79 10.24
C ASN B 352 10.44 -7.31 8.88
N THR B 353 9.50 -6.59 8.29
CA THR B 353 8.99 -6.90 6.96
C THR B 353 9.55 -5.86 5.99
N VAL B 354 10.63 -6.23 5.31
CA VAL B 354 11.37 -5.33 4.41
C VAL B 354 10.51 -4.88 3.24
N ASN B 355 10.39 -3.56 3.06
CA ASN B 355 9.51 -2.98 2.05
C ASN B 355 8.08 -3.51 2.14
N GLU B 356 7.61 -3.77 3.35
CA GLU B 356 6.29 -4.38 3.63
C GLU B 356 6.13 -5.83 3.14
N TYR B 357 7.21 -6.46 2.67
CA TYR B 357 7.14 -7.86 2.25
C TYR B 357 6.85 -8.73 3.48
N GLY B 358 5.59 -9.20 3.55
CA GLY B 358 5.11 -9.94 4.70
C GLY B 358 4.31 -9.13 5.70
N LEU B 359 4.17 -7.83 5.48
CA LEU B 359 3.55 -6.97 6.49
C LEU B 359 2.12 -7.40 6.75
N ILE B 360 1.33 -7.57 5.70
CA ILE B 360 -0.06 -8.01 5.91
C ILE B 360 -0.15 -9.34 6.68
N ASN B 361 0.75 -10.24 6.33
CA ASN B 361 0.80 -11.58 6.93
C ASN B 361 1.11 -11.52 8.40
N VAL B 362 2.11 -10.72 8.76
CA VAL B 362 2.48 -10.53 10.16
C VAL B 362 1.42 -9.75 10.95
N ALA B 363 0.99 -8.61 10.40
CA ALA B 363 -0.01 -7.74 11.07
C ALA B 363 -1.34 -8.44 11.33
N SER B 364 -1.78 -9.26 10.38
CA SER B 364 -3.07 -9.95 10.50
C SER B 364 -2.96 -11.21 11.32
N GLY B 365 -1.80 -11.88 11.35
CA GLY B 365 -1.71 -13.23 11.92
C GLY B 365 -0.65 -13.54 12.96
N ALA B 366 0.28 -12.62 13.22
CA ALA B 366 1.41 -12.92 14.13
C ALA B 366 1.24 -12.19 15.44
N ASP B 367 1.57 -12.82 16.55
CA ASP B 367 1.49 -12.18 17.89
C ASP B 367 2.77 -11.40 18.24
N VAL B 368 3.12 -10.46 17.37
CA VAL B 368 4.25 -9.57 17.56
C VAL B 368 3.81 -8.38 18.42
N ASP B 369 4.78 -7.78 19.11
CA ASP B 369 4.50 -6.63 19.97
C ASP B 369 4.07 -5.43 19.14
N PHE B 370 4.71 -5.27 17.99
CA PHE B 370 4.36 -4.24 17.04
C PHE B 370 4.98 -4.60 15.72
N LEU B 371 4.70 -3.78 14.71
CA LEU B 371 5.17 -3.99 13.34
C LEU B 371 6.43 -3.15 13.06
N TYR B 372 7.24 -3.60 12.12
CA TYR B 372 8.55 -3.02 11.85
C TYR B 372 8.86 -3.17 10.37
N VAL B 373 9.09 -2.03 9.71
CA VAL B 373 9.21 -1.97 8.27
C VAL B 373 10.40 -1.12 7.87
N GLU B 374 11.36 -1.73 7.17
CA GLU B 374 12.40 -1.03 6.45
C GLU B 374 11.82 -0.59 5.13
N ILE B 375 11.90 0.68 4.83
CA ILE B 375 11.44 1.15 3.54
C ILE B 375 12.59 1.77 2.75
N TRP B 376 12.59 1.46 1.46
CA TRP B 376 13.68 1.79 0.55
C TRP B 376 13.21 2.57 -0.68
N PRO B 377 13.94 3.66 -0.99
CA PRO B 377 13.92 4.20 -2.34
C PRO B 377 14.60 3.20 -3.29
N PRO B 378 14.33 3.25 -4.60
CA PRO B 378 13.50 4.28 -5.25
C PRO B 378 11.99 4.03 -5.17
N ALA B 379 11.58 2.77 -5.03
CA ALA B 379 10.15 2.42 -5.08
C ALA B 379 9.34 3.18 -4.03
N ARG B 380 9.88 3.30 -2.83
CA ARG B 380 9.22 3.96 -1.71
C ARG B 380 9.89 5.26 -1.29
N ALA B 381 10.33 6.04 -2.27
CA ALA B 381 11.02 7.31 -2.07
C ALA B 381 10.06 8.42 -1.69
N HIS B 382 8.82 8.33 -2.12
CA HIS B 382 7.86 9.42 -1.93
C HIS B 382 7.57 9.62 -0.44
N TYR B 383 7.48 10.88 0.01
CA TYR B 383 7.09 11.20 1.40
C TYR B 383 5.85 10.42 1.90
N ASN B 384 4.88 10.24 1.01
CA ASN B 384 3.64 9.54 1.32
C ASN B 384 3.83 8.15 1.90
N PHE B 385 4.86 7.44 1.42
CA PHE B 385 5.18 6.11 1.94
C PHE B 385 5.49 6.05 3.44
N LEU B 386 6.01 7.14 4.01
CA LEU B 386 6.28 7.21 5.45
C LEU B 386 4.95 7.14 6.26
N LYS B 387 3.95 7.87 5.78
CA LYS B 387 2.61 7.80 6.34
C LYS B 387 1.91 6.50 5.97
N GLN B 388 1.98 6.08 4.69
CA GLN B 388 1.19 4.94 4.22
C GLN B 388 1.66 3.62 4.82
N THR B 389 2.96 3.51 5.09
CA THR B 389 3.49 2.35 5.80
C THR B 389 2.85 2.18 7.17
N VAL B 390 2.72 3.30 7.89
CA VAL B 390 2.07 3.30 9.20
C VAL B 390 0.58 2.97 9.04
N ASP B 391 -0.12 3.68 8.15
CA ASP B 391 -1.53 3.39 7.87
C ASP B 391 -1.80 1.92 7.54
N ASN B 392 -0.95 1.31 6.71
CA ASN B 392 -1.09 -0.10 6.35
C ASN B 392 -0.97 -0.98 7.58
N GLY B 393 0.11 -0.82 8.35
CA GLY B 393 0.30 -1.61 9.57
C GLY B 393 -0.90 -1.52 10.49
N TYR B 394 -1.41 -0.31 10.65
CA TYR B 394 -2.62 -0.08 11.43
C TYR B 394 -3.86 -0.79 10.84
N ASN B 395 -4.15 -0.54 9.57
CA ASN B 395 -5.27 -1.20 8.90
C ASN B 395 -5.19 -2.72 8.88
N TYR B 396 -4.01 -3.26 8.55
CA TYR B 396 -3.83 -4.71 8.46
C TYR B 396 -3.94 -5.43 9.81
N SER B 397 -3.68 -4.71 10.90
CA SER B 397 -3.78 -5.26 12.26
C SER B 397 -5.12 -4.93 12.90
N ASP B 398 -6.04 -4.32 12.13
CA ASP B 398 -7.33 -3.79 12.63
C ASP B 398 -7.16 -2.90 13.85
N GLY B 399 -6.15 -2.04 13.76
CA GLY B 399 -5.88 -1.01 14.75
C GLY B 399 -5.25 -1.47 16.05
N LYS B 400 -4.72 -2.68 16.07
CA LYS B 400 -4.24 -3.31 17.29
C LYS B 400 -2.74 -3.21 17.50
N LYS B 401 -1.98 -2.94 16.44
CA LYS B 401 -0.54 -2.89 16.52
C LYS B 401 -0.03 -1.54 16.04
N ALA B 402 0.91 -1.00 16.81
CA ALA B 402 1.69 0.16 16.43
C ALA B 402 2.69 -0.25 15.35
N THR B 403 3.20 0.75 14.62
CA THR B 403 4.21 0.53 13.58
C THR B 403 5.51 1.37 13.80
N VAL B 404 6.65 0.68 13.67
CA VAL B 404 7.98 1.32 13.67
C VAL B 404 8.51 1.26 12.25
N VAL B 405 9.15 2.34 11.81
CA VAL B 405 9.70 2.46 10.47
C VAL B 405 11.22 2.62 10.59
N ALA B 406 11.96 1.91 9.77
CA ALA B 406 13.37 2.13 9.57
C ALA B 406 13.52 2.77 8.19
N ALA B 407 14.19 3.91 8.15
CA ALA B 407 14.32 4.72 6.96
C ALA B 407 15.65 5.43 7.10
N TYR B 408 16.68 4.85 6.51
CA TYR B 408 18.05 5.26 6.80
C TYR B 408 18.34 6.56 6.06
N MET B 409 18.53 7.63 6.82
CA MET B 409 18.62 8.97 6.26
C MET B 409 19.97 9.27 5.62
N ASN B 410 19.92 10.01 4.52
CA ASN B 410 21.12 10.48 3.80
C ASN B 410 22.04 9.33 3.38
N TYR B 411 21.40 8.27 2.93
CA TYR B 411 22.08 7.02 2.62
C TYR B 411 23.20 7.22 1.59
N GLY B 412 22.95 8.11 0.62
CA GLY B 412 23.85 8.34 -0.50
C GLY B 412 25.22 8.86 -0.13
N ILE B 413 25.30 9.63 0.94
CA ILE B 413 26.59 10.13 1.43
C ILE B 413 27.16 9.32 2.61
N ALA B 414 26.51 8.21 2.96
CA ALA B 414 26.83 7.46 4.19
C ALA B 414 28.13 6.64 4.18
N ASP B 415 28.79 6.51 3.03
CA ASP B 415 30.10 5.82 2.95
C ASP B 415 31.30 6.71 3.26
N ARG B 416 31.07 8.03 3.38
CA ARG B 416 32.13 8.98 3.69
C ARG B 416 31.81 9.81 4.92
N SER B 417 32.87 10.30 5.54
CA SER B 417 32.83 11.02 6.80
C SER B 417 32.18 12.40 6.64
N ALA B 418 31.03 12.63 7.29
CA ALA B 418 30.23 13.87 7.10
C ALA B 418 29.13 13.98 8.16
N GLU B 419 28.27 15.00 8.02
CA GLU B 419 27.16 15.23 8.92
C GLU B 419 25.82 14.90 8.27
N PHE B 420 24.86 14.45 9.06
CA PHE B 420 23.47 14.32 8.60
C PHE B 420 22.93 15.67 8.19
N ASN B 421 22.05 15.70 7.22
CA ASN B 421 21.31 16.92 6.91
C ASN B 421 20.23 17.13 7.95
N LYS B 422 20.35 18.22 8.71
CA LYS B 422 19.43 18.48 9.82
C LYS B 422 17.98 18.79 9.42
N HIS B 423 17.77 19.15 8.14
CA HIS B 423 16.45 19.52 7.65
C HIS B 423 15.67 18.31 7.19
N SER B 424 16.28 17.48 6.34
CA SER B 424 15.63 16.27 5.87
C SER B 424 15.38 15.27 7.01
N VAL B 425 16.29 15.20 7.97
CA VAL B 425 16.08 14.34 9.14
C VAL B 425 14.80 14.75 9.93
N ARG B 426 14.61 16.06 10.12
CA ARG B 426 13.42 16.56 10.79
C ARG B 426 12.13 16.28 10.01
N LEU B 427 12.19 16.48 8.71
CA LEU B 427 11.00 16.27 7.87
C LEU B 427 10.57 14.82 7.81
N THR B 428 11.53 13.91 7.83
CA THR B 428 11.26 12.48 7.86
C THR B 428 10.59 12.08 9.18
N ASP B 429 11.12 12.55 10.31
CA ASP B 429 10.48 12.33 11.59
C ASP B 429 9.12 12.98 11.73
N ALA B 430 8.95 14.20 11.23
CA ALA B 430 7.64 14.84 11.25
C ALA B 430 6.61 13.94 10.56
N ALA B 431 6.98 13.48 9.36
CA ALA B 431 6.10 12.67 8.53
C ALA B 431 5.74 11.35 9.20
N ILE B 432 6.76 10.66 9.75
CA ILE B 432 6.54 9.41 10.48
C ILE B 432 5.73 9.65 11.78
N PHE B 433 6.16 10.62 12.60
CA PHE B 433 5.54 10.78 13.90
C PHE B 433 4.10 11.25 13.73
N ALA B 434 3.87 12.17 12.79
CA ALA B 434 2.54 12.74 12.58
C ALA B 434 1.56 11.67 12.16
N ALA B 435 2.06 10.69 11.40
CA ALA B 435 1.25 9.60 10.90
C ALA B 435 0.89 8.56 11.97
N GLY B 436 1.46 8.67 13.16
CA GLY B 436 1.26 7.68 14.22
C GLY B 436 2.36 6.65 14.26
N GLY B 437 3.49 6.97 13.64
CA GLY B 437 4.61 6.05 13.62
C GLY B 437 5.68 6.37 14.63
N ASP B 438 6.65 5.47 14.69
CA ASP B 438 7.92 5.66 15.36
C ASP B 438 9.03 5.39 14.30
N HIS B 439 10.19 5.99 14.50
CA HIS B 439 11.32 5.85 13.57
C HIS B 439 12.53 5.34 14.36
N ILE B 440 12.96 4.12 14.05
CA ILE B 440 14.20 3.62 14.63
C ILE B 440 15.38 4.32 13.97
N GLU B 441 16.03 5.20 14.72
CA GLU B 441 17.18 5.96 14.17
C GLU B 441 18.29 6.26 15.17
N LEU B 442 18.02 6.25 16.49
CA LEU B 442 19.00 6.68 17.51
C LEU B 442 19.61 5.51 18.28
N GLY B 443 20.90 5.59 18.56
CA GLY B 443 21.57 4.52 19.29
C GLY B 443 22.98 4.90 19.72
N ASP B 444 23.74 3.89 20.13
CA ASP B 444 25.05 4.12 20.75
C ASP B 444 26.01 4.89 19.85
N THR B 445 25.98 4.62 18.55
CA THR B 445 26.81 5.32 17.57
C THR B 445 26.26 6.69 17.11
N GLY B 446 25.17 7.17 17.70
CA GLY B 446 24.52 8.42 17.29
C GLY B 446 23.22 8.14 16.55
N MET B 447 23.31 8.13 15.24
CA MET B 447 22.15 7.96 14.38
C MET B 447 22.50 7.05 13.22
N LEU B 448 21.48 6.28 12.78
CA LEU B 448 21.63 5.33 11.68
C LEU B 448 21.71 6.01 10.32
N SER B 449 22.68 5.59 9.52
CA SER B 449 22.80 5.99 8.11
C SER B 449 22.78 4.83 7.11
N LYS B 450 22.94 3.59 7.58
CA LYS B 450 22.92 2.38 6.74
C LYS B 450 22.22 1.22 7.45
N GLU B 451 21.81 0.24 6.63
CA GLU B 451 21.14 -0.96 7.12
C GLU B 451 22.10 -1.82 7.92
N TYR B 452 23.40 -1.72 7.60
CA TYR B 452 24.45 -2.18 8.50
C TYR B 452 24.62 -1.16 9.64
N PHE B 453 23.99 -1.44 10.79
CA PHE B 453 23.89 -0.46 11.89
C PHE B 453 25.24 0.08 12.38
N PRO B 454 26.31 -0.77 12.43
CA PRO B 454 27.60 -0.22 12.87
C PRO B 454 28.24 0.84 11.97
N SER B 455 27.90 0.89 10.68
CA SER B 455 28.43 1.94 9.81
C SER B 455 27.99 3.30 10.37
N ALA B 456 28.96 4.09 10.83
CA ALA B 456 28.68 5.35 11.50
C ALA B 456 29.49 6.51 10.93
N ASN B 457 29.56 6.64 9.60
CA ASN B 457 30.31 7.74 9.01
C ASN B 457 29.58 9.10 9.09
N LEU B 458 28.24 9.09 9.19
CA LEU B 458 27.48 10.32 9.41
C LEU B 458 27.31 10.60 10.89
N LYS B 459 27.63 11.84 11.29
CA LYS B 459 27.43 12.31 12.67
C LYS B 459 26.35 13.36 12.71
N MET B 460 25.67 13.48 13.85
CA MET B 460 24.70 14.56 14.06
C MET B 460 25.42 15.80 14.55
N SER B 461 25.21 16.94 13.89
CA SER B 461 25.65 18.24 14.43
C SER B 461 24.93 18.56 15.74
N GLU B 462 25.50 19.49 16.51
CA GLU B 462 24.89 19.96 17.75
C GLU B 462 23.43 20.39 17.55
N SER B 463 23.20 21.12 16.47
CA SER B 463 21.88 21.65 16.17
C SER B 463 20.85 20.54 15.90
N LEU B 464 21.27 19.49 15.21
CA LEU B 464 20.38 18.34 14.99
C LEU B 464 20.11 17.59 16.30
N VAL B 465 21.15 17.39 17.12
CA VAL B 465 20.95 16.78 18.43
C VAL B 465 19.87 17.53 19.20
N LYS B 466 19.98 18.84 19.21
CA LYS B 466 19.03 19.73 19.89
C LYS B 466 17.61 19.53 19.34
N ALA B 467 17.46 19.41 18.02
CA ALA B 467 16.17 19.16 17.42
C ALA B 467 15.67 17.76 17.78
N MET B 468 16.55 16.77 17.80
CA MET B 468 16.13 15.42 18.12
C MET B 468 15.60 15.31 19.55
N ARG B 469 16.24 16.00 20.49
CA ARG B 469 15.75 16.06 21.87
C ARG B 469 14.32 16.61 21.92
N ASN B 470 14.08 17.71 21.20
CA ASN B 470 12.73 18.25 21.05
C ASN B 470 11.75 17.28 20.42
N TYR B 471 12.15 16.67 19.32
CA TYR B 471 11.26 15.80 18.58
C TYR B 471 10.89 14.53 19.37
N TYR B 472 11.84 13.98 20.14
CA TYR B 472 11.57 12.82 20.98
C TYR B 472 10.74 13.15 22.23
N ASP B 473 10.95 14.32 22.81
CA ASP B 473 10.04 14.80 23.85
C ASP B 473 8.62 14.90 23.29
N PHE B 474 8.51 15.39 22.05
CA PHE B 474 7.22 15.62 21.43
C PHE B 474 6.53 14.30 21.16
N LEU B 475 7.28 13.37 20.57
CA LEU B 475 6.84 11.97 20.32
C LEU B 475 6.25 11.29 21.56
N THR B 476 6.87 11.55 22.70
CA THR B 476 6.47 10.99 23.98
C THR B 476 5.31 11.77 24.60
N ALA B 477 5.49 13.09 24.68
CA ALA B 477 4.54 13.95 25.35
C ALA B 477 3.16 13.99 24.66
N TYR B 478 3.13 13.86 23.34
CA TYR B 478 1.87 13.92 22.54
C TYR B 478 1.39 12.58 21.95
N GLU B 479 1.87 11.49 22.53
CA GLU B 479 1.52 10.14 22.11
C GLU B 479 0.01 9.90 22.08
N ASN B 480 -0.72 10.52 22.98
CA ASN B 480 -2.19 10.39 23.00
C ASN B 480 -2.88 11.07 21.83
N LEU B 481 -2.24 12.07 21.24
CA LEU B 481 -2.79 12.72 20.04
C LEU B 481 -2.23 12.18 18.72
N LEU B 482 -1.12 11.43 18.78
CA LEU B 482 -0.46 10.91 17.58
C LEU B 482 -0.80 9.46 17.27
N ARG B 483 -1.00 8.63 18.28
CA ARG B 483 -1.21 7.21 18.03
C ARG B 483 -2.00 6.53 19.14
N ASP B 484 -3.12 7.14 19.51
CA ASP B 484 -3.98 6.55 20.53
C ASP B 484 -5.43 6.83 20.16
N GLY B 485 -6.07 5.83 19.55
CA GLY B 485 -7.52 5.85 19.28
C GLY B 485 -8.00 6.84 18.24
N LEU B 486 -7.18 7.06 17.22
CA LEU B 486 -7.46 8.02 16.15
C LEU B 486 -7.99 7.33 14.90
N LYS B 487 -8.87 8.03 14.18
CA LYS B 487 -9.30 7.63 12.85
C LYS B 487 -9.06 8.79 11.90
N GLU B 488 -8.92 8.46 10.61
CA GLU B 488 -8.82 9.47 9.56
C GLU B 488 -10.12 10.30 9.52
N SER B 489 -9.97 11.59 9.26
CA SER B 489 -11.10 12.50 9.14
C SER B 489 -11.18 12.92 7.69
N ASP B 490 -12.40 13.07 7.21
CA ASP B 490 -12.63 13.59 5.87
C ASP B 490 -13.11 15.06 5.92
N ASN B 491 -13.04 15.71 7.08
CA ASN B 491 -13.24 17.15 7.17
C ASN B 491 -12.21 17.91 6.32
N LYS B 492 -12.71 18.82 5.51
CA LYS B 492 -11.91 19.59 4.57
C LYS B 492 -11.00 20.57 5.32
N ILE B 493 -9.75 20.65 4.86
CA ILE B 493 -8.76 21.63 5.33
C ILE B 493 -8.38 22.50 4.14
N GLU B 494 -8.31 23.81 4.33
CA GLU B 494 -7.75 24.74 3.30
C GLU B 494 -6.73 25.64 3.98
N ILE B 495 -5.71 26.05 3.24
CA ILE B 495 -4.73 27.03 3.72
C ILE B 495 -4.63 28.13 2.65
N PRO B 496 -5.49 29.17 2.74
CA PRO B 496 -5.57 30.13 1.63
C PRO B 496 -4.22 30.73 1.28
N GLY B 497 -3.91 30.72 -0.01
CA GLY B 497 -2.65 31.31 -0.51
C GLY B 497 -1.47 30.36 -0.54
N ILE B 498 -1.59 29.19 0.10
CA ILE B 498 -0.50 28.23 0.19
C ILE B 498 -0.94 26.93 -0.49
N GLU B 499 -0.10 26.35 -1.35
CA GLU B 499 -0.40 25.07 -1.99
C GLU B 499 -0.33 23.97 -0.92
N ILE B 500 -1.34 23.09 -0.95
CA ILE B 500 -1.42 21.99 0.00
C ILE B 500 -1.58 20.63 -0.69
N SER B 501 -1.30 19.57 0.05
CA SER B 501 -1.55 18.22 -0.40
C SER B 501 -1.85 17.35 0.82
N ASN B 502 -2.50 16.23 0.57
CA ASN B 502 -2.80 15.26 1.61
C ASN B 502 -1.79 14.11 1.64
N ASN B 503 -0.81 14.15 0.73
CA ASN B 503 0.05 13.01 0.43
C ASN B 503 1.56 13.30 0.29
N GLY B 504 2.03 14.43 0.81
CA GLY B 504 3.47 14.69 0.84
C GLY B 504 4.04 15.07 -0.51
N SER B 505 3.25 15.74 -1.35
CA SER B 505 3.74 16.25 -2.63
C SER B 505 4.74 17.37 -2.42
N ALA B 506 5.71 17.45 -3.32
CA ALA B 506 6.70 18.52 -3.33
C ALA B 506 6.02 19.90 -3.45
N ARG B 507 6.66 20.92 -2.88
CA ARG B 507 6.18 22.29 -2.99
C ARG B 507 4.74 22.46 -2.43
N THR B 508 4.45 21.75 -1.34
CA THR B 508 3.20 21.93 -0.64
C THR B 508 3.41 21.89 0.88
N VAL B 509 2.39 22.37 1.60
CA VAL B 509 2.22 22.01 2.99
C VAL B 509 1.42 20.71 2.97
N TRP B 510 1.99 19.67 3.56
CA TRP B 510 1.31 18.37 3.69
C TRP B 510 0.42 18.49 4.91
N THR B 511 -0.88 18.35 4.69
CA THR B 511 -1.85 18.52 5.75
C THR B 511 -2.97 17.48 5.63
N TYR B 512 -3.38 16.98 6.79
CA TYR B 512 -4.51 16.05 6.92
C TYR B 512 -5.02 16.12 8.36
N ALA B 513 -6.20 15.55 8.59
CA ALA B 513 -6.82 15.58 9.90
C ALA B 513 -7.21 14.19 10.39
N LYS B 514 -7.21 14.04 11.71
CA LYS B 514 -7.65 12.83 12.37
C LYS B 514 -8.54 13.22 13.52
N GLN B 515 -9.36 12.28 13.96
CA GLN B 515 -10.19 12.52 15.12
C GLN B 515 -10.17 11.37 16.09
N LYS B 516 -10.28 11.72 17.37
CA LYS B 516 -10.50 10.79 18.47
C LYS B 516 -11.58 11.34 19.39
N ASP B 517 -11.94 10.56 20.40
CA ASP B 517 -12.70 11.04 21.56
C ASP B 517 -12.11 12.34 22.12
N GLY B 518 -12.89 13.42 22.04
CA GLY B 518 -12.51 14.69 22.64
C GLY B 518 -11.65 15.64 21.81
N TYR B 519 -11.04 15.17 20.73
CA TYR B 519 -10.14 15.99 19.89
C TYR B 519 -10.20 15.71 18.39
N ASP B 520 -10.14 16.78 17.58
CA ASP B 520 -9.67 16.67 16.20
C ASP B 520 -8.21 17.11 16.17
N VAL B 521 -7.41 16.51 15.29
CA VAL B 521 -5.98 16.84 15.16
C VAL B 521 -5.68 17.12 13.70
N ILE B 522 -5.00 18.24 13.44
CA ILE B 522 -4.62 18.63 12.09
C ILE B 522 -3.11 18.77 12.07
N HIS B 523 -2.46 18.04 11.20
CA HIS B 523 -1.02 18.16 11.03
C HIS B 523 -0.73 19.00 9.80
N MET B 524 0.34 19.78 9.90
CA MET B 524 0.94 20.48 8.77
C MET B 524 2.45 20.20 8.73
N ILE B 525 2.92 19.62 7.63
CA ILE B 525 4.33 19.36 7.42
C ILE B 525 4.78 20.14 6.20
N ASN B 526 5.83 20.93 6.38
CA ASN B 526 6.21 21.93 5.40
C ASN B 526 7.18 21.34 4.35
N LEU B 527 6.62 20.95 3.21
CA LEU B 527 7.39 20.55 2.04
C LEU B 527 7.49 21.66 0.99
N LEU B 528 7.30 22.93 1.39
CA LEU B 528 7.39 24.04 0.42
C LEU B 528 8.81 24.26 -0.14
N GLY B 529 9.85 23.89 0.59
CA GLY B 529 11.23 23.97 0.07
C GLY B 529 11.75 22.69 -0.60
N ILE B 530 10.86 21.72 -0.80
CA ILE B 530 11.18 20.43 -1.40
C ILE B 530 10.78 20.43 -2.88
N GLU B 531 11.76 20.11 -3.73
CA GLU B 531 11.60 20.07 -5.16
C GLU B 531 11.01 18.73 -5.62
N VAL B 532 11.54 17.65 -5.07
CA VAL B 532 11.16 16.31 -5.46
C VAL B 532 10.76 15.60 -4.18
N SER B 533 9.59 14.97 -4.17
CA SER B 533 9.10 14.31 -2.98
C SER B 533 9.92 13.04 -2.75
N ASN B 534 11.03 13.21 -2.04
CA ASN B 534 11.94 12.12 -1.74
C ASN B 534 12.41 12.33 -0.30
N TRP B 535 12.02 11.44 0.60
CA TRP B 535 12.30 11.65 2.03
C TRP B 535 13.78 11.47 2.41
N ARG B 536 14.54 10.71 1.64
CA ARG B 536 15.88 10.30 2.06
C ARG B 536 16.98 11.36 1.95
N ASP B 537 16.83 12.31 1.02
CA ASP B 537 17.85 13.33 0.76
C ASP B 537 19.22 12.66 0.63
N ASP B 538 19.43 11.96 -0.47
CA ASP B 538 20.65 11.15 -0.61
C ASP B 538 21.94 11.93 -0.65
N LEU B 539 21.91 13.15 -1.19
CA LEU B 539 23.10 13.98 -1.19
C LEU B 539 23.30 14.77 0.11
N GLY B 540 22.34 14.70 1.03
CA GLY B 540 22.37 15.51 2.24
C GLY B 540 22.35 17.01 1.99
N ASN B 541 21.63 17.48 0.98
CA ASN B 541 21.65 18.91 0.68
C ASN B 541 20.29 19.60 0.72
N TYR B 542 19.31 19.04 1.43
CA TYR B 542 18.01 19.70 1.57
C TYR B 542 18.17 20.97 2.42
N SER B 543 17.31 21.94 2.17
CA SER B 543 17.41 23.24 2.84
C SER B 543 16.33 23.43 3.89
N ALA B 544 16.52 24.43 4.76
CA ALA B 544 15.51 24.79 5.76
C ALA B 544 14.19 25.09 5.04
N PRO B 545 13.07 24.54 5.53
CA PRO B 545 11.81 24.94 4.92
C PRO B 545 11.60 26.45 5.03
N PRO B 546 10.86 27.05 4.09
CA PRO B 546 10.50 28.43 4.34
C PRO B 546 9.66 28.52 5.60
N ILE B 547 9.77 29.63 6.31
CA ILE B 547 8.95 29.87 7.49
C ILE B 547 7.74 30.67 7.04
N ILE B 548 6.55 30.21 7.44
CA ILE B 548 5.31 30.89 7.13
C ILE B 548 4.77 31.42 8.45
N LYS B 549 4.56 32.73 8.54
CA LYS B 549 4.10 33.32 9.78
C LYS B 549 2.75 34.01 9.65
N ASP B 550 1.93 33.88 10.69
CA ASP B 550 0.68 34.63 10.84
C ASP B 550 -0.23 34.39 9.64
N PHE B 551 -0.55 33.12 9.41
CA PHE B 551 -1.43 32.70 8.34
C PHE B 551 -2.75 32.08 8.86
N LYS B 552 -3.63 31.67 7.95
CA LYS B 552 -4.94 31.10 8.31
C LYS B 552 -5.09 29.68 7.81
N VAL B 553 -5.69 28.85 8.66
CA VAL B 553 -6.09 27.51 8.30
C VAL B 553 -7.62 27.46 8.44
N LYS B 554 -8.31 27.00 7.40
CA LYS B 554 -9.74 26.77 7.46
C LYS B 554 -9.96 25.28 7.65
N TYR B 555 -10.73 24.93 8.69
CA TYR B 555 -11.03 23.54 8.97
C TYR B 555 -12.54 23.38 8.99
N TYR B 556 -13.06 22.63 8.04
CA TYR B 556 -14.51 22.54 7.89
C TYR B 556 -15.02 21.51 8.87
N LEU B 557 -15.77 21.97 9.87
CA LEU B 557 -16.24 21.11 10.94
C LEU B 557 -17.74 21.31 11.08
N GLU B 558 -18.52 20.22 10.97
CA GLU B 558 -19.97 20.27 11.23
C GLU B 558 -20.28 20.83 12.61
N ASN B 559 -20.02 20.04 13.67
CA ASN B 559 -20.42 20.41 15.03
C ASN B 559 -19.67 21.64 15.51
N ASP B 560 -20.38 22.52 16.23
CA ASP B 560 -19.82 23.76 16.76
C ASP B 560 -19.58 23.72 18.28
N ASN B 561 -19.84 22.57 18.92
CA ASN B 561 -19.48 22.34 20.32
C ASN B 561 -17.96 22.18 20.50
N ILE B 562 -17.27 23.30 20.30
CA ILE B 562 -15.83 23.39 20.31
C ILE B 562 -15.40 24.21 21.52
N LYS B 563 -14.48 23.67 22.30
CA LYS B 563 -14.06 24.26 23.55
C LYS B 563 -12.92 25.25 23.29
N ASN B 564 -11.88 24.77 22.60
CA ASN B 564 -10.73 25.63 22.23
C ASN B 564 -9.87 24.99 21.14
N VAL B 565 -8.97 25.80 20.60
CA VAL B 565 -8.04 25.35 19.58
C VAL B 565 -6.63 25.63 20.06
N TYR B 566 -5.78 24.63 19.89
CA TYR B 566 -4.42 24.68 20.41
C TYR B 566 -3.44 24.29 19.34
N LEU B 567 -2.18 24.61 19.55
CA LEU B 567 -1.13 24.18 18.66
C LEU B 567 0.11 23.82 19.46
N ALA B 568 0.73 22.72 19.07
CA ALA B 568 2.04 22.38 19.58
C ALA B 568 2.94 21.93 18.46
N SER B 569 4.22 22.26 18.60
CA SER B 569 5.24 21.94 17.63
C SER B 569 6.59 21.74 18.31
N PRO B 570 7.36 20.71 17.93
CA PRO B 570 8.72 20.62 18.45
C PRO B 570 9.67 21.75 17.98
N ASP B 571 9.24 22.53 16.97
CA ASP B 571 10.02 23.65 16.44
C ASP B 571 9.79 24.96 17.21
N ILE B 572 8.74 25.01 18.04
CA ILE B 572 8.26 26.25 18.63
C ILE B 572 8.20 26.07 20.13
N ASN B 573 9.03 26.84 20.84
CA ASN B 573 9.06 26.77 22.31
C ASN B 573 9.15 25.33 22.84
N ASP B 574 9.94 24.50 22.16
CA ASP B 574 10.21 23.14 22.58
C ASP B 574 8.96 22.32 22.92
N GLY B 575 7.92 22.47 22.10
CA GLY B 575 6.72 21.64 22.21
C GLY B 575 5.59 22.17 23.07
N LYS B 576 5.81 23.31 23.72
CA LYS B 576 4.80 23.92 24.58
C LYS B 576 3.49 24.26 23.85
N VAL B 577 2.35 23.87 24.40
CA VAL B 577 1.06 24.18 23.81
C VAL B 577 0.81 25.67 23.83
N MET B 578 0.36 26.19 22.69
CA MET B 578 -0.19 27.54 22.60
C MET B 578 -1.69 27.48 22.25
N LYS B 579 -2.49 28.29 22.91
CA LYS B 579 -3.87 28.50 22.52
C LYS B 579 -3.91 29.41 21.31
N LEU B 580 -4.67 29.02 20.28
CA LEU B 580 -4.79 29.83 19.05
C LEU B 580 -6.09 30.61 19.01
N GLN B 581 -6.07 31.76 18.36
CA GLN B 581 -7.29 32.50 18.04
C GLN B 581 -7.97 31.85 16.84
N PHE B 582 -9.31 31.76 16.89
CA PHE B 582 -10.08 31.23 15.80
C PHE B 582 -11.47 31.86 15.74
N LYS B 583 -12.11 31.74 14.58
CA LYS B 583 -13.43 32.31 14.36
C LYS B 583 -14.31 31.29 13.67
N LYS B 584 -15.61 31.30 14.01
CA LYS B 584 -16.56 30.40 13.37
C LYS B 584 -17.08 31.14 12.18
N LYS B 585 -17.03 30.52 11.02
CA LYS B 585 -17.49 31.13 9.78
C LYS B 585 -18.17 30.10 8.91
N GLU B 586 -18.63 30.55 7.75
CA GLU B 586 -19.31 29.71 6.79
C GLU B 586 -19.16 30.29 5.39
N ASP B 587 -18.90 29.45 4.40
CA ASP B 587 -18.92 29.85 3.01
C ASP B 587 -19.64 28.72 2.27
N SER B 588 -19.60 28.72 0.95
CA SER B 588 -20.34 27.74 0.13
C SER B 588 -19.95 26.26 0.38
N LYS B 589 -18.77 26.00 0.93
CA LYS B 589 -18.35 24.62 1.22
C LYS B 589 -18.80 24.13 2.60
N GLY B 590 -19.40 25.00 3.42
CA GLY B 590 -19.92 24.63 4.74
C GLY B 590 -19.37 25.50 5.86
N LYS B 591 -19.65 25.09 7.09
CA LYS B 591 -19.17 25.82 8.27
C LYS B 591 -17.72 25.43 8.53
N TYR B 592 -16.92 26.40 8.93
CA TYR B 592 -15.52 26.14 9.21
C TYR B 592 -14.99 27.03 10.31
N LEU B 593 -13.91 26.57 10.93
CA LEU B 593 -13.14 27.40 11.84
C LEU B 593 -12.05 28.04 11.01
N GLU B 594 -11.89 29.36 11.14
CA GLU B 594 -10.73 30.04 10.60
C GLU B 594 -9.74 30.17 11.75
N ILE B 595 -8.65 29.41 11.66
CA ILE B 595 -7.64 29.31 12.73
C ILE B 595 -6.42 30.15 12.37
N SER B 596 -6.01 31.04 13.29
CA SER B 596 -4.81 31.86 13.09
C SER B 596 -3.56 31.13 13.62
N VAL B 597 -2.62 30.83 12.73
CA VAL B 597 -1.40 30.11 13.08
C VAL B 597 -0.22 31.08 13.11
N PRO B 598 0.42 31.25 14.27
CA PRO B 598 1.53 32.18 14.31
C PRO B 598 2.72 31.79 13.43
N GLU B 599 3.05 30.50 13.35
CA GLU B 599 4.27 30.08 12.68
C GLU B 599 4.26 28.60 12.30
N LEU B 600 4.79 28.33 11.11
CA LEU B 600 5.11 26.99 10.67
C LEU B 600 6.55 26.99 10.12
N GLN B 601 7.41 26.16 10.70
CA GLN B 601 8.74 25.91 10.14
C GLN B 601 8.72 24.50 9.52
N TYR B 602 8.82 23.44 10.33
CA TYR B 602 8.82 22.07 9.83
C TYR B 602 7.46 21.36 10.02
N TRP B 603 6.93 21.37 11.23
CA TRP B 603 5.80 20.56 11.61
C TRP B 603 5.01 21.23 12.72
N ASP B 604 3.75 21.53 12.46
CA ASP B 604 2.79 21.95 13.48
C ASP B 604 1.70 20.91 13.64
N MET B 605 1.28 20.69 14.88
CA MET B 605 0.10 19.91 15.21
C MET B 605 -0.92 20.84 15.83
N ILE B 606 -1.99 21.12 15.11
CA ILE B 606 -3.10 21.84 15.68
C ILE B 606 -4.00 20.80 16.32
N PHE B 607 -4.53 21.06 17.53
CA PHE B 607 -5.61 20.24 18.05
C PHE B 607 -6.78 21.04 18.62
N ILE B 608 -7.97 20.51 18.41
CA ILE B 608 -9.22 21.18 18.69
C ILE B 608 -9.95 20.33 19.72
N LYS B 609 -10.14 20.89 20.90
CA LYS B 609 -10.78 20.22 21.99
C LYS B 609 -12.28 20.37 21.85
N LYS B 610 -13.00 19.26 21.91
CA LYS B 610 -14.48 19.25 21.85
C LYS B 610 -15.08 19.43 23.24
N LEU B 611 -16.29 19.97 23.31
CA LEU B 611 -17.00 20.16 24.60
C LEU B 611 -17.56 18.84 25.13
#